data_5W8O
#
_entry.id   5W8O
#
_cell.length_a   47.750
_cell.length_b   93.230
_cell.length_c   81.590
_cell.angle_alpha   90.000
_cell.angle_beta   94.780
_cell.angle_gamma   90.000
#
_symmetry.space_group_name_H-M   'P 1 21 1'
#
loop_
_entity.id
_entity.type
_entity.pdbx_description
1 polymer 'Homoserine O-acetyltransferase'
2 non-polymer 'SODIUM ION'
3 non-polymer 'CALCIUM ION'
4 non-polymer GLYCEROL
5 water water
#
_entity_poly.entity_id   1
_entity_poly.type   'polypeptide(L)'
_entity_poly.pdbx_seq_one_letter_code
;GAMAEGELGIVDIGALTLESGAVIDNVQIAVERWGELSPSRDNVVVVLHALTGDSHVAGPAGPNYPTPGWWDGVVGPGAA
IDTRRWCAIATNVLGGCRGSTGPGSLHPDGKAWGSRFPAVTVRDQVRADLAALNAMGIHQVAAVVGGSMGGARALEWVIG
HPETVRAGLILAVGARATADQIGTQSTQVAAIKADPNWQNGDYYGTGLKPDVGLQIARRFAHLTYRGEVELDTRFGNAPQ
DDENPLLGGRYAVESYLEYQGRKLVDRFDAGTYVTLTDSLSSHDVGRGRGGVEAALRSCEVPVVVGGFTSDRLYPLRLQE
ELAELMPGCRGLNVVESIYGHDGFLIETEAVGKLIRQTLELAS
;
_entity_poly.pdbx_strand_id   A,B
#
loop_
_chem_comp.id
_chem_comp.type
_chem_comp.name
_chem_comp.formula
CA non-polymer 'CALCIUM ION' 'Ca 2'
GOL non-polymer GLYCEROL 'C3 H8 O3'
NA non-polymer 'SODIUM ION' 'Na 1'
#
# COMPACT_ATOMS: atom_id res chain seq x y z
N GLY A 6 26.56 -26.49 9.53
CA GLY A 6 25.62 -25.41 9.85
C GLY A 6 26.31 -24.13 10.25
N GLU A 7 27.46 -23.85 9.62
CA GLU A 7 28.28 -22.69 9.93
C GLU A 7 28.22 -21.69 8.79
N LEU A 8 28.28 -20.40 9.15
CA LEU A 8 28.29 -19.33 8.16
C LEU A 8 29.72 -19.11 7.67
N GLY A 9 29.96 -19.36 6.39
CA GLY A 9 31.24 -19.10 5.77
C GLY A 9 31.22 -17.82 4.97
N ILE A 10 32.37 -17.16 4.88
CA ILE A 10 32.53 -15.92 4.12
C ILE A 10 33.47 -16.21 2.95
N VAL A 11 32.99 -15.99 1.74
CA VAL A 11 33.75 -16.25 0.54
C VAL A 11 34.25 -14.93 -0.04
N ASP A 12 35.57 -14.80 -0.21
CA ASP A 12 36.14 -13.64 -0.86
C ASP A 12 36.07 -13.83 -2.37
N ILE A 13 35.41 -12.90 -3.07
CA ILE A 13 35.30 -12.95 -4.52
C ILE A 13 36.12 -11.88 -5.22
N GLY A 14 36.89 -11.09 -4.48
CA GLY A 14 37.71 -10.06 -5.09
C GLY A 14 36.86 -8.91 -5.61
N ALA A 15 37.41 -8.21 -6.60
CA ALA A 15 36.79 -7.02 -7.13
C ALA A 15 35.60 -7.39 -8.00
N LEU A 16 34.55 -6.58 -7.93
CA LEU A 16 33.37 -6.81 -8.75
C LEU A 16 33.02 -5.49 -9.42
N THR A 17 32.96 -5.50 -10.74
CA THR A 17 32.45 -4.37 -11.50
C THR A 17 30.95 -4.52 -11.65
N LEU A 18 30.20 -3.51 -11.24
CA LEU A 18 28.76 -3.56 -11.23
C LEU A 18 28.21 -3.07 -12.56
N GLU A 19 26.91 -3.32 -12.75
CA GLU A 19 26.23 -2.94 -13.98
C GLU A 19 26.32 -1.44 -14.23
N SER A 20 26.36 -0.64 -13.17
CA SER A 20 26.46 0.81 -13.32
C SER A 20 27.84 1.25 -13.78
N GLY A 21 28.85 0.39 -13.70
CA GLY A 21 30.22 0.76 -13.93
C GLY A 21 31.03 0.97 -12.67
N ALA A 22 30.38 1.17 -11.53
CA ALA A 22 31.09 1.26 -10.26
C ALA A 22 31.80 -0.05 -9.97
N VAL A 23 32.88 0.04 -9.19
CA VAL A 23 33.68 -1.12 -8.82
C VAL A 23 33.75 -1.19 -7.31
N ILE A 24 33.53 -2.39 -6.75
CA ILE A 24 33.80 -2.66 -5.34
C ILE A 24 35.04 -3.55 -5.29
N ASP A 25 36.06 -3.08 -4.57
CA ASP A 25 37.41 -3.66 -4.70
C ASP A 25 37.48 -5.07 -4.14
N ASN A 26 36.82 -5.34 -3.01
CA ASN A 26 36.98 -6.62 -2.31
C ASN A 26 35.62 -7.05 -1.76
N VAL A 27 34.86 -7.76 -2.58
CA VAL A 27 33.53 -8.21 -2.20
C VAL A 27 33.62 -9.52 -1.44
N GLN A 28 32.80 -9.65 -0.41
CA GLN A 28 32.65 -10.88 0.37
C GLN A 28 31.20 -11.30 0.34
N ILE A 29 30.97 -12.60 0.17
CA ILE A 29 29.64 -13.17 0.13
C ILE A 29 29.54 -14.26 1.19
N ALA A 30 28.57 -14.13 2.09
CA ALA A 30 28.34 -15.14 3.11
C ALA A 30 27.53 -16.30 2.53
N VAL A 31 27.85 -17.50 2.96
CA VAL A 31 27.28 -18.73 2.41
C VAL A 31 26.95 -19.69 3.56
N GLU A 32 25.81 -20.36 3.45
CA GLU A 32 25.46 -21.49 4.32
C GLU A 32 25.04 -22.66 3.44
N ARG A 33 25.23 -23.87 3.96
CA ARG A 33 25.01 -25.09 3.20
C ARG A 33 24.36 -26.14 4.09
N TRP A 34 23.50 -26.96 3.47
CA TRP A 34 22.89 -28.12 4.12
C TRP A 34 22.93 -29.29 3.13
N GLY A 35 23.44 -30.41 3.59
CA GLY A 35 23.56 -31.55 2.71
C GLY A 35 24.96 -31.68 2.12
N GLU A 36 25.34 -32.90 1.82
CA GLU A 36 26.68 -33.15 1.29
C GLU A 36 26.71 -32.92 -0.21
N LEU A 37 27.81 -32.30 -0.67
CA LEU A 37 28.04 -32.10 -2.08
C LEU A 37 28.43 -33.43 -2.70
N SER A 38 27.82 -33.77 -3.83
CA SER A 38 28.08 -35.05 -4.46
C SER A 38 29.49 -35.04 -5.08
N PRO A 39 30.06 -36.22 -5.34
CA PRO A 39 31.42 -36.25 -5.89
C PRO A 39 31.56 -35.48 -7.20
N SER A 40 30.52 -35.44 -8.03
CA SER A 40 30.57 -34.70 -9.28
C SER A 40 30.12 -33.27 -9.13
N ARG A 41 29.71 -32.87 -7.92
CA ARG A 41 29.19 -31.52 -7.66
C ARG A 41 27.94 -31.23 -8.48
N ASP A 42 27.14 -32.25 -8.78
CA ASP A 42 26.00 -32.09 -9.65
C ASP A 42 24.68 -31.94 -8.89
N ASN A 43 24.73 -31.78 -7.56
CA ASN A 43 23.52 -31.83 -6.75
C ASN A 43 23.28 -30.52 -5.99
N VAL A 44 23.75 -29.39 -6.50
CA VAL A 44 23.61 -28.11 -5.81
C VAL A 44 22.28 -27.47 -6.15
N VAL A 45 21.52 -27.12 -5.11
CA VAL A 45 20.30 -26.33 -5.24
C VAL A 45 20.54 -25.00 -4.54
N VAL A 46 20.48 -23.91 -5.30
CA VAL A 46 20.73 -22.57 -4.75
C VAL A 46 19.40 -22.01 -4.29
N VAL A 47 19.33 -21.62 -3.03
CA VAL A 47 18.12 -21.02 -2.46
C VAL A 47 18.37 -19.52 -2.33
N LEU A 48 17.51 -18.73 -2.95
CA LEU A 48 17.70 -17.29 -3.12
C LEU A 48 16.70 -16.56 -2.23
N HIS A 49 17.20 -15.88 -1.21
CA HIS A 49 16.36 -15.21 -0.23
C HIS A 49 15.73 -13.92 -0.77
N ALA A 50 14.68 -13.49 -0.08
CA ALA A 50 13.90 -12.32 -0.43
C ALA A 50 14.44 -11.08 0.31
N LEU A 51 13.71 -9.96 0.24
CA LEU A 51 14.25 -8.66 0.63
C LEU A 51 14.92 -8.69 2.01
N THR A 52 14.21 -9.19 3.03
CA THR A 52 14.73 -9.13 4.39
C THR A 52 15.19 -10.50 4.89
N GLY A 53 15.37 -11.44 3.97
CA GLY A 53 15.93 -12.73 4.30
C GLY A 53 17.45 -12.69 4.34
N ASP A 54 18.03 -13.87 4.54
CA ASP A 54 19.48 -14.00 4.63
C ASP A 54 19.83 -15.45 4.29
N SER A 55 21.05 -15.87 4.58
CA SER A 55 21.48 -17.22 4.21
C SER A 55 20.93 -18.29 5.14
N HIS A 56 20.23 -17.92 6.22
CA HIS A 56 19.80 -18.89 7.23
C HIS A 56 18.42 -19.45 6.84
N VAL A 57 18.46 -20.37 5.86
CA VAL A 57 17.25 -20.95 5.28
C VAL A 57 16.63 -21.97 6.21
N ALA A 58 17.46 -22.77 6.85
CA ALA A 58 17.02 -23.91 7.66
C ALA A 58 17.85 -23.95 8.92
N GLY A 59 17.20 -24.28 10.04
CA GLY A 59 17.88 -24.34 11.32
C GLY A 59 18.46 -25.70 11.62
N PRO A 68 13.90 -20.96 13.86
CA PRO A 68 14.18 -21.72 12.64
C PRO A 68 14.56 -20.82 11.47
N GLY A 69 15.01 -21.43 10.37
CA GLY A 69 15.32 -20.67 9.18
C GLY A 69 14.10 -20.24 8.41
N TRP A 70 14.28 -19.24 7.53
CA TRP A 70 13.14 -18.61 6.89
C TRP A 70 12.39 -19.53 5.92
N TRP A 71 13.01 -20.62 5.44
CA TRP A 71 12.34 -21.59 4.59
C TRP A 71 12.60 -23.01 5.11
N ASP A 72 12.60 -23.15 6.43
CA ASP A 72 12.99 -24.41 7.05
C ASP A 72 12.08 -25.56 6.64
N GLY A 73 10.83 -25.26 6.31
CA GLY A 73 9.88 -26.31 5.94
C GLY A 73 10.21 -27.02 4.64
N VAL A 74 11.04 -26.42 3.77
CA VAL A 74 11.34 -27.00 2.47
C VAL A 74 12.79 -27.42 2.33
N VAL A 75 13.60 -27.30 3.38
CA VAL A 75 15.00 -27.73 3.34
C VAL A 75 15.29 -28.60 4.56
N GLY A 76 15.84 -29.80 4.33
CA GLY A 76 16.17 -30.70 5.40
C GLY A 76 16.04 -32.14 4.99
N PRO A 77 16.35 -33.08 5.88
CA PRO A 77 16.18 -34.51 5.56
C PRO A 77 14.72 -34.82 5.26
N GLY A 78 14.47 -35.32 4.05
CA GLY A 78 13.12 -35.64 3.64
C GLY A 78 12.31 -34.47 3.14
N ALA A 79 12.85 -33.25 3.18
CA ALA A 79 12.10 -32.07 2.78
C ALA A 79 12.01 -32.00 1.25
N ALA A 80 11.27 -31.00 0.76
CA ALA A 80 11.14 -30.82 -0.68
C ALA A 80 12.51 -30.73 -1.33
N ILE A 81 13.43 -30.00 -0.69
CA ILE A 81 14.86 -30.09 -1.02
C ILE A 81 15.43 -31.05 0.01
N ASP A 82 15.50 -32.33 -0.36
CA ASP A 82 15.92 -33.39 0.56
C ASP A 82 17.43 -33.35 0.66
N THR A 83 17.94 -32.93 1.82
CA THR A 83 19.38 -32.79 1.98
C THR A 83 20.09 -34.12 2.09
N ARG A 84 19.37 -35.25 2.11
CA ARG A 84 20.06 -36.54 1.96
C ARG A 84 20.54 -36.78 0.53
N ARG A 85 20.04 -36.02 -0.43
CA ARG A 85 20.32 -36.17 -1.85
C ARG A 85 20.90 -34.90 -2.46
N TRP A 86 20.43 -33.74 -2.02
CA TRP A 86 20.81 -32.46 -2.58
C TRP A 86 21.66 -31.68 -1.60
N CYS A 87 22.48 -30.79 -2.14
CA CYS A 87 23.28 -29.86 -1.36
C CYS A 87 22.66 -28.49 -1.54
N ALA A 88 21.90 -28.05 -0.54
CA ALA A 88 21.25 -26.74 -0.60
C ALA A 88 22.24 -25.67 -0.15
N ILE A 89 22.42 -24.64 -0.97
CA ILE A 89 23.35 -23.55 -0.68
C ILE A 89 22.58 -22.25 -0.76
N ALA A 90 22.79 -21.38 0.22
CA ALA A 90 22.18 -20.06 0.24
C ALA A 90 23.24 -19.02 0.55
N THR A 91 23.24 -17.94 -0.21
CA THR A 91 24.10 -16.80 0.07
C THR A 91 23.31 -15.74 0.81
N ASN A 92 24.03 -14.82 1.44
CA ASN A 92 23.49 -13.50 1.76
C ASN A 92 23.76 -12.63 0.54
N VAL A 93 22.71 -12.00 0.04
CA VAL A 93 22.80 -11.24 -1.21
C VAL A 93 23.78 -10.08 -1.07
N LEU A 94 24.44 -9.76 -2.18
CA LEU A 94 25.23 -8.53 -2.27
C LEU A 94 24.35 -7.35 -1.90
N GLY A 95 24.84 -6.50 -0.99
CA GLY A 95 24.06 -5.42 -0.43
C GLY A 95 23.47 -5.75 0.94
N GLY A 96 23.54 -7.02 1.35
CA GLY A 96 22.94 -7.48 2.57
C GLY A 96 23.71 -7.08 3.81
N CYS A 97 23.18 -7.50 4.95
CA CYS A 97 23.72 -7.10 6.24
C CYS A 97 24.06 -8.29 7.14
N ARG A 98 24.02 -9.52 6.62
CA ARG A 98 24.31 -10.68 7.45
C ARG A 98 25.49 -11.45 6.89
N GLY A 99 26.60 -10.74 6.64
CA GLY A 99 27.87 -11.34 6.30
C GLY A 99 28.41 -10.91 4.95
N SER A 100 27.54 -10.53 4.02
CA SER A 100 28.00 -10.10 2.71
C SER A 100 28.27 -8.60 2.70
N THR A 101 29.02 -8.17 1.69
CA THR A 101 29.32 -6.76 1.53
C THR A 101 28.04 -5.97 1.30
N GLY A 102 27.88 -4.91 2.08
CA GLY A 102 26.75 -4.03 2.02
C GLY A 102 27.10 -2.68 2.62
N PRO A 103 26.13 -1.77 2.70
CA PRO A 103 26.44 -0.41 3.16
C PRO A 103 27.02 -0.32 4.56
N GLY A 104 26.69 -1.26 5.44
CA GLY A 104 27.29 -1.27 6.77
C GLY A 104 28.66 -1.90 6.84
N SER A 105 29.13 -2.50 5.76
CA SER A 105 30.47 -3.07 5.74
C SER A 105 31.53 -1.97 5.70
N LEU A 106 32.75 -2.34 6.06
CA LEU A 106 33.83 -1.35 6.13
C LEU A 106 34.36 -1.04 4.74
N HIS A 107 34.37 0.25 4.42
CA HIS A 107 35.04 0.78 3.24
C HIS A 107 36.56 0.67 3.46
N PRO A 108 37.35 0.67 2.38
CA PRO A 108 38.81 0.63 2.57
C PRO A 108 39.35 1.68 3.52
N ASP A 109 38.63 2.78 3.73
CA ASP A 109 39.12 3.88 4.56
C ASP A 109 38.81 3.71 6.04
N GLY A 110 38.23 2.56 6.44
CA GLY A 110 37.99 2.27 7.83
C GLY A 110 36.59 2.62 8.32
N LYS A 111 35.86 3.45 7.59
CA LYS A 111 34.48 3.79 7.91
C LYS A 111 33.53 2.91 7.11
N ALA A 112 32.30 2.81 7.58
CA ALA A 112 31.28 2.10 6.81
C ALA A 112 31.13 2.74 5.45
N TRP A 113 30.83 1.91 4.44
CA TRP A 113 30.49 2.43 3.12
C TRP A 113 29.43 3.51 3.21
N GLY A 114 28.31 3.20 3.88
CA GLY A 114 27.23 4.14 4.05
C GLY A 114 26.77 4.75 2.74
N SER A 115 26.77 6.09 2.68
CA SER A 115 26.32 6.82 1.49
C SER A 115 27.19 6.56 0.28
N ARG A 116 28.38 6.00 0.45
CA ARG A 116 29.24 5.70 -0.67
C ARG A 116 28.93 4.35 -1.31
N PHE A 117 28.07 3.54 -0.69
CA PHE A 117 27.78 2.25 -1.27
C PHE A 117 27.09 2.43 -2.62
N PRO A 118 27.55 1.77 -3.67
CA PRO A 118 26.94 1.95 -5.00
C PRO A 118 25.57 1.30 -5.10
N ALA A 119 24.85 1.70 -6.14
CA ALA A 119 23.63 1.00 -6.49
C ALA A 119 23.97 -0.40 -6.99
N VAL A 120 23.17 -1.36 -6.54
CA VAL A 120 23.32 -2.77 -6.90
CA VAL A 120 23.33 -2.76 -6.91
C VAL A 120 22.04 -3.20 -7.60
N THR A 121 22.20 -3.93 -8.70
CA THR A 121 21.06 -4.50 -9.41
C THR A 121 20.96 -5.98 -9.13
N VAL A 122 19.80 -6.56 -9.46
CA VAL A 122 19.64 -8.01 -9.36
C VAL A 122 20.68 -8.73 -10.20
N ARG A 123 21.02 -8.16 -11.36
CA ARG A 123 22.04 -8.79 -12.20
C ARG A 123 23.39 -8.82 -11.50
N ASP A 124 23.74 -7.72 -10.80
CA ASP A 124 24.95 -7.72 -9.98
C ASP A 124 24.89 -8.79 -8.91
N GLN A 125 23.72 -8.95 -8.28
CA GLN A 125 23.60 -9.91 -7.21
C GLN A 125 23.80 -11.33 -7.71
N VAL A 126 23.26 -11.64 -8.89
CA VAL A 126 23.47 -12.96 -9.49
C VAL A 126 24.95 -13.17 -9.78
N ARG A 127 25.62 -12.17 -10.35
CA ARG A 127 27.03 -12.35 -10.67
C ARG A 127 27.87 -12.58 -9.41
N ALA A 128 27.52 -11.90 -8.32
CA ALA A 128 28.25 -12.09 -7.06
C ALA A 128 28.02 -13.50 -6.50
N ASP A 129 26.80 -14.00 -6.59
CA ASP A 129 26.50 -15.35 -6.14
C ASP A 129 27.26 -16.37 -6.96
N LEU A 130 27.26 -16.21 -8.28
CA LEU A 130 28.00 -17.12 -9.16
C LEU A 130 29.50 -17.07 -8.85
N ALA A 131 30.02 -15.88 -8.57
CA ALA A 131 31.43 -15.77 -8.21
C ALA A 131 31.74 -16.49 -6.91
N ALA A 132 30.82 -16.42 -5.94
CA ALA A 132 31.02 -17.14 -4.68
C ALA A 132 31.01 -18.64 -4.91
N LEU A 133 30.03 -19.13 -5.68
CA LEU A 133 30.02 -20.55 -6.03
C LEU A 133 31.30 -20.96 -6.74
N ASN A 134 31.73 -20.17 -7.73
CA ASN A 134 32.94 -20.50 -8.48
C ASN A 134 34.16 -20.56 -7.56
N ALA A 135 34.24 -19.66 -6.58
CA ALA A 135 35.37 -19.67 -5.65
C ALA A 135 35.37 -20.93 -4.79
N MET A 136 34.20 -21.54 -4.60
CA MET A 136 34.05 -22.80 -3.89
C MET A 136 34.18 -24.01 -4.81
N GLY A 137 34.55 -23.79 -6.08
CA GLY A 137 34.69 -24.88 -7.03
C GLY A 137 33.38 -25.44 -7.56
N ILE A 138 32.30 -24.65 -7.53
CA ILE A 138 31.01 -25.05 -8.08
C ILE A 138 30.76 -24.24 -9.34
N HIS A 139 30.46 -24.93 -10.45
CA HIS A 139 30.40 -24.30 -11.76
C HIS A 139 29.06 -24.47 -12.45
N GLN A 140 28.26 -25.45 -12.05
CA GLN A 140 26.91 -25.59 -12.59
C GLN A 140 26.04 -26.09 -11.45
N VAL A 141 24.87 -25.48 -11.29
CA VAL A 141 23.97 -25.89 -10.23
C VAL A 141 22.82 -26.66 -10.85
N ALA A 142 22.24 -27.57 -10.07
CA ALA A 142 21.08 -28.31 -10.52
C ALA A 142 19.88 -27.39 -10.65
N ALA A 143 19.67 -26.52 -9.67
CA ALA A 143 18.50 -25.67 -9.69
C ALA A 143 18.74 -24.41 -8.89
N VAL A 144 18.04 -23.34 -9.29
CA VAL A 144 17.90 -22.14 -8.49
C VAL A 144 16.44 -22.03 -8.10
N VAL A 145 16.19 -21.63 -6.86
CA VAL A 145 14.83 -21.56 -6.34
CA VAL A 145 14.83 -21.56 -6.34
C VAL A 145 14.69 -20.28 -5.53
N GLY A 146 13.59 -19.55 -5.76
CA GLY A 146 13.37 -18.34 -5.00
C GLY A 146 12.02 -17.72 -5.24
N GLY A 147 11.53 -17.02 -4.23
CA GLY A 147 10.32 -16.23 -4.35
C GLY A 147 10.58 -14.77 -4.07
N SER A 148 9.73 -13.88 -4.60
CA SER A 148 9.82 -12.45 -4.33
C SER A 148 11.16 -11.95 -4.88
N MET A 149 11.96 -11.20 -4.09
CA MET A 149 13.27 -10.80 -4.58
C MET A 149 14.10 -12.02 -4.98
N GLY A 150 13.90 -13.14 -4.28
CA GLY A 150 14.57 -14.37 -4.65
C GLY A 150 14.13 -14.89 -6.01
N GLY A 151 12.86 -14.66 -6.37
CA GLY A 151 12.39 -15.01 -7.69
C GLY A 151 12.97 -14.11 -8.76
N ALA A 152 13.18 -12.83 -8.46
CA ALA A 152 13.86 -11.96 -9.40
C ALA A 152 15.28 -12.44 -9.64
N ARG A 153 15.99 -12.80 -8.56
CA ARG A 153 17.33 -13.34 -8.68
C ARG A 153 17.33 -14.64 -9.48
N ALA A 154 16.36 -15.53 -9.21
CA ALA A 154 16.28 -16.77 -9.96
C ALA A 154 16.03 -16.52 -11.44
N LEU A 155 15.16 -15.55 -11.75
CA LEU A 155 14.84 -15.26 -13.14
C LEU A 155 16.05 -14.69 -13.87
N GLU A 156 16.77 -13.75 -13.25
CA GLU A 156 17.94 -13.19 -13.92
C GLU A 156 19.02 -14.24 -14.06
N TRP A 157 19.07 -15.21 -13.14
CA TRP A 157 20.06 -16.28 -13.23
C TRP A 157 19.78 -17.16 -14.44
N VAL A 158 18.52 -17.59 -14.61
CA VAL A 158 18.21 -18.47 -15.74
C VAL A 158 18.30 -17.74 -17.08
N ILE A 159 17.96 -16.45 -17.11
CA ILE A 159 18.00 -15.73 -18.38
C ILE A 159 19.43 -15.29 -18.72
N GLY A 160 20.17 -14.79 -17.73
CA GLY A 160 21.50 -14.26 -17.99
C GLY A 160 22.60 -15.30 -17.99
N HIS A 161 22.42 -16.40 -17.26
CA HIS A 161 23.48 -17.40 -17.14
C HIS A 161 22.90 -18.80 -17.26
N PRO A 162 22.17 -19.09 -18.34
CA PRO A 162 21.54 -20.42 -18.46
C PRO A 162 22.52 -21.57 -18.43
N GLU A 163 23.76 -21.37 -18.89
CA GLU A 163 24.72 -22.44 -18.93
C GLU A 163 25.12 -22.93 -17.54
N THR A 164 24.82 -22.16 -16.48
CA THR A 164 25.23 -22.49 -15.13
C THR A 164 24.16 -23.18 -14.31
N VAL A 165 22.97 -23.44 -14.87
CA VAL A 165 21.82 -23.91 -14.07
C VAL A 165 20.98 -24.86 -14.92
N ARG A 166 20.56 -25.98 -14.32
CA ARG A 166 19.79 -26.97 -15.06
C ARG A 166 18.27 -26.76 -15.00
N ALA A 167 17.76 -26.08 -13.97
CA ALA A 167 16.33 -25.82 -13.84
C ALA A 167 16.11 -24.69 -12.85
N GLY A 168 14.94 -24.07 -12.91
CA GLY A 168 14.63 -22.97 -12.00
C GLY A 168 13.20 -23.01 -11.52
N LEU A 169 13.01 -22.58 -10.27
CA LEU A 169 11.69 -22.32 -9.71
C LEU A 169 11.59 -20.83 -9.46
N ILE A 170 10.61 -20.19 -10.09
CA ILE A 170 10.42 -18.75 -10.02
C ILE A 170 9.05 -18.51 -9.41
N LEU A 171 9.02 -17.98 -8.19
CA LEU A 171 7.78 -17.79 -7.45
C LEU A 171 7.52 -16.31 -7.19
N ALA A 172 6.28 -15.89 -7.38
CA ALA A 172 5.78 -14.64 -6.81
C ALA A 172 6.68 -13.47 -7.18
N VAL A 173 6.88 -13.29 -8.49
CA VAL A 173 7.63 -12.17 -9.03
C VAL A 173 7.14 -11.93 -10.45
N GLY A 174 7.51 -10.78 -11.03
CA GLY A 174 7.28 -10.49 -12.42
C GLY A 174 8.58 -10.32 -13.19
N ALA A 175 8.41 -10.09 -14.50
CA ALA A 175 9.55 -9.93 -15.41
C ALA A 175 10.30 -8.64 -15.19
N ARG A 176 9.61 -7.59 -14.74
CA ARG A 176 10.22 -6.34 -14.36
C ARG A 176 9.42 -5.77 -13.20
N ALA A 177 10.05 -4.85 -12.46
CA ALA A 177 9.31 -4.07 -11.47
C ALA A 177 8.15 -3.33 -12.13
N THR A 178 7.02 -3.29 -11.43
CA THR A 178 5.85 -2.54 -11.88
C THR A 178 5.81 -1.17 -11.24
N ALA A 179 4.92 -0.33 -11.78
CA ALA A 179 4.74 1.01 -11.23
C ALA A 179 4.29 0.97 -9.77
N ASP A 180 3.36 0.08 -9.42
CA ASP A 180 2.92 0.00 -8.03
C ASP A 180 4.07 -0.45 -7.13
N GLN A 181 4.86 -1.42 -7.57
CA GLN A 181 6.00 -1.87 -6.76
C GLN A 181 6.98 -0.73 -6.55
N ILE A 182 7.36 -0.05 -7.63
CA ILE A 182 8.29 1.07 -7.51
C ILE A 182 7.68 2.17 -6.64
N GLY A 183 6.36 2.36 -6.75
CA GLY A 183 5.72 3.38 -5.93
C GLY A 183 5.86 3.11 -4.45
N THR A 184 5.51 1.88 -4.01
CA THR A 184 5.60 1.59 -2.59
C THR A 184 7.05 1.48 -2.15
N GLN A 185 7.90 0.88 -2.99
CA GLN A 185 9.33 0.77 -2.68
C GLN A 185 9.97 2.14 -2.49
N SER A 186 9.77 3.03 -3.46
CA SER A 186 10.39 4.35 -3.37
C SER A 186 9.86 5.14 -2.18
N THR A 187 8.59 4.95 -1.82
CA THR A 187 8.03 5.67 -0.68
C THR A 187 8.50 5.08 0.65
N GLN A 188 8.68 3.75 0.72
CA GLN A 188 9.32 3.16 1.89
C GLN A 188 10.72 3.72 2.08
N VAL A 189 11.48 3.84 0.99
CA VAL A 189 12.82 4.43 1.09
C VAL A 189 12.71 5.87 1.56
N ALA A 190 11.75 6.62 1.01
CA ALA A 190 11.60 8.02 1.41
C ALA A 190 11.31 8.14 2.90
N ALA A 191 10.52 7.20 3.45
CA ALA A 191 10.21 7.24 4.87
C ALA A 191 11.45 7.00 5.72
N ILE A 192 12.32 6.09 5.28
CA ILE A 192 13.58 5.87 5.98
C ILE A 192 14.46 7.12 5.90
N LYS A 193 14.60 7.67 4.70
CA LYS A 193 15.49 8.81 4.51
C LYS A 193 14.99 10.06 5.22
N ALA A 194 13.69 10.13 5.52
CA ALA A 194 13.13 11.26 6.24
C ALA A 194 13.37 11.18 7.74
N ASP A 195 13.81 10.03 8.23
CA ASP A 195 14.09 9.88 9.65
C ASP A 195 15.29 10.75 10.03
N PRO A 196 15.20 11.57 11.06
CA PRO A 196 16.34 12.44 11.40
C PRO A 196 17.65 11.69 11.62
N ASN A 197 17.60 10.42 11.99
CA ASN A 197 18.79 9.64 12.27
C ASN A 197 19.39 9.00 11.03
N TRP A 198 18.76 9.15 9.86
CA TRP A 198 19.32 8.57 8.65
C TRP A 198 20.72 9.11 8.38
N GLN A 199 20.92 10.42 8.57
CA GLN A 199 22.25 11.03 8.45
C GLN A 199 22.88 10.70 7.10
N ASN A 200 22.08 10.84 6.05
CA ASN A 200 22.51 10.61 4.68
C ASN A 200 22.92 9.16 4.43
N GLY A 201 22.54 8.25 5.31
CA GLY A 201 22.97 6.86 5.22
C GLY A 201 24.27 6.57 5.93
N ASP A 202 24.87 7.56 6.59
CA ASP A 202 26.15 7.42 7.27
C ASP A 202 25.96 7.39 8.79
N TYR A 203 24.85 6.80 9.24
CA TYR A 203 24.55 6.69 10.66
C TYR A 203 25.39 5.64 11.38
N TYR A 204 26.05 4.75 10.65
CA TYR A 204 26.82 3.69 11.29
C TYR A 204 27.87 4.30 12.21
N GLY A 205 27.93 3.80 13.45
CA GLY A 205 28.91 4.26 14.40
C GLY A 205 28.54 5.54 15.14
N THR A 206 27.43 6.19 14.78
CA THR A 206 27.02 7.41 15.46
C THR A 206 26.19 7.15 16.72
N GLY A 207 25.80 5.91 16.98
CA GLY A 207 24.94 5.60 18.10
C GLY A 207 23.47 5.87 17.85
N LEU A 208 23.12 6.37 16.67
CA LEU A 208 21.74 6.63 16.30
C LEU A 208 21.43 5.88 15.01
N LYS A 209 20.20 5.36 14.92
CA LYS A 209 19.72 4.64 13.75
C LYS A 209 18.34 5.17 13.39
N PRO A 210 17.93 5.06 12.11
CA PRO A 210 16.58 5.52 11.72
C PRO A 210 15.50 4.49 12.00
N ASP A 211 15.29 4.19 13.29
CA ASP A 211 14.35 3.14 13.70
C ASP A 211 12.90 3.52 13.37
N VAL A 212 12.53 4.78 13.54
CA VAL A 212 11.14 5.16 13.29
C VAL A 212 10.82 5.06 11.81
N GLY A 213 11.69 5.59 10.96
CA GLY A 213 11.46 5.51 9.53
C GLY A 213 11.41 4.08 9.03
N LEU A 214 12.28 3.21 9.55
CA LEU A 214 12.27 1.83 9.11
C LEU A 214 10.98 1.13 9.57
N GLN A 215 10.52 1.44 10.78
CA GLN A 215 9.24 0.91 11.25
C GLN A 215 8.09 1.31 10.34
N ILE A 216 8.03 2.59 9.95
CA ILE A 216 6.98 3.06 9.05
C ILE A 216 7.06 2.31 7.72
N ALA A 217 8.26 2.19 7.15
CA ALA A 217 8.42 1.49 5.88
C ALA A 217 7.91 0.06 5.99
N ARG A 218 8.27 -0.63 7.07
CA ARG A 218 7.91 -2.04 7.20
C ARG A 218 6.41 -2.23 7.45
N ARG A 219 5.77 -1.29 8.15
CA ARG A 219 4.33 -1.41 8.34
C ARG A 219 3.61 -1.34 7.00
N PHE A 220 3.98 -0.38 6.15
CA PHE A 220 3.36 -0.32 4.83
C PHE A 220 3.72 -1.53 3.99
N ALA A 221 5.00 -1.97 4.04
CA ALA A 221 5.39 -3.13 3.26
C ALA A 221 4.61 -4.36 3.71
N HIS A 222 4.43 -4.54 5.02
CA HIS A 222 3.75 -5.74 5.50
C HIS A 222 2.35 -5.82 4.92
N LEU A 223 1.64 -4.68 4.84
CA LEU A 223 0.32 -4.71 4.22
C LEU A 223 0.40 -5.22 2.79
N THR A 224 1.42 -4.80 2.03
CA THR A 224 1.53 -5.25 0.65
C THR A 224 1.78 -6.74 0.56
N TYR A 225 2.33 -7.35 1.63
CA TYR A 225 2.64 -8.77 1.64
C TYR A 225 1.46 -9.65 2.01
N ARG A 226 0.36 -9.08 2.50
CA ARG A 226 -0.71 -9.89 3.03
C ARG A 226 -1.94 -9.86 2.12
N GLY A 227 -2.86 -10.76 2.42
CA GLY A 227 -4.13 -10.82 1.72
C GLY A 227 -5.15 -9.89 2.39
N GLU A 228 -5.89 -9.16 1.56
CA GLU A 228 -6.87 -8.23 2.10
C GLU A 228 -7.93 -8.95 2.94
N VAL A 229 -8.47 -10.06 2.42
CA VAL A 229 -9.53 -10.77 3.14
C VAL A 229 -9.00 -11.38 4.43
N GLU A 230 -7.86 -12.06 4.38
CA GLU A 230 -7.38 -12.71 5.61
C GLU A 230 -6.99 -11.70 6.68
N LEU A 231 -6.50 -10.52 6.29
CA LEU A 231 -6.27 -9.48 7.29
C LEU A 231 -7.57 -9.16 8.02
N ASP A 232 -8.66 -9.03 7.28
CA ASP A 232 -9.94 -8.71 7.91
C ASP A 232 -10.49 -9.88 8.71
N THR A 233 -10.28 -11.12 8.24
CA THR A 233 -10.69 -12.29 9.01
C THR A 233 -9.99 -12.33 10.36
N ARG A 234 -8.68 -12.05 10.38
CA ARG A 234 -7.89 -12.15 11.61
C ARG A 234 -8.20 -11.03 12.58
N PHE A 235 -8.36 -9.80 12.09
CA PHE A 235 -8.42 -8.62 12.95
C PHE A 235 -9.69 -7.81 12.84
N GLY A 236 -10.35 -7.81 11.68
CA GLY A 236 -11.50 -6.94 11.47
C GLY A 236 -11.17 -5.52 11.91
N ASN A 237 -12.16 -4.87 12.51
CA ASN A 237 -11.98 -3.58 13.16
C ASN A 237 -11.92 -3.72 14.68
N ALA A 238 -11.53 -4.89 15.16
CA ALA A 238 -11.50 -5.13 16.59
C ALA A 238 -10.43 -4.26 17.26
N PRO A 239 -10.66 -3.84 18.51
CA PRO A 239 -9.60 -3.19 19.28
C PRO A 239 -8.57 -4.21 19.75
N GLN A 240 -7.40 -3.70 20.11
CA GLN A 240 -6.38 -4.50 20.79
C GLN A 240 -6.78 -4.68 22.24
N ASP A 241 -6.95 -5.93 22.67
CA ASP A 241 -7.30 -6.21 24.06
C ASP A 241 -8.53 -5.41 24.50
N GLY A 249 -5.07 3.75 22.77
CA GLY A 249 -5.83 2.56 22.40
C GLY A 249 -5.68 2.23 20.92
N ARG A 250 -5.14 1.06 20.65
CA ARG A 250 -4.86 0.63 19.27
C ARG A 250 -5.91 -0.35 18.79
N TYR A 251 -6.16 -0.33 17.48
CA TYR A 251 -6.87 -1.43 16.87
C TYR A 251 -5.97 -2.65 16.83
N ALA A 252 -6.59 -3.83 16.76
CA ALA A 252 -5.83 -5.08 16.70
C ALA A 252 -4.87 -5.10 15.53
N VAL A 253 -5.33 -4.70 14.33
CA VAL A 253 -4.43 -4.71 13.18
C VAL A 253 -3.30 -3.70 13.37
N GLU A 254 -3.60 -2.59 14.05
CA GLU A 254 -2.59 -1.56 14.26
C GLU A 254 -1.49 -2.05 15.18
N SER A 255 -1.88 -2.72 16.27
CA SER A 255 -0.89 -3.30 17.17
C SER A 255 -0.07 -4.36 16.46
N TYR A 256 -0.70 -5.14 15.58
CA TYR A 256 0.00 -6.14 14.80
C TYR A 256 1.07 -5.51 13.92
N LEU A 257 0.70 -4.44 13.21
CA LEU A 257 1.67 -3.77 12.34
C LEU A 257 2.81 -3.15 13.13
N GLU A 258 2.51 -2.57 14.29
CA GLU A 258 3.57 -2.02 15.13
C GLU A 258 4.55 -3.12 15.54
N TYR A 259 4.02 -4.28 15.93
CA TYR A 259 4.85 -5.42 16.25
C TYR A 259 5.73 -5.83 15.06
N GLN A 260 5.15 -5.89 13.85
CA GLN A 260 5.95 -6.26 12.68
C GLN A 260 7.08 -5.27 12.45
N GLY A 261 6.82 -3.98 12.66
CA GLY A 261 7.85 -2.99 12.47
C GLY A 261 8.98 -3.11 13.48
N ARG A 262 8.65 -3.32 14.76
CA ARG A 262 9.67 -3.46 15.79
C ARG A 262 10.49 -4.71 15.55
N LYS A 263 9.83 -5.79 15.13
CA LYS A 263 10.53 -7.03 14.86
C LYS A 263 11.60 -6.83 13.79
N LEU A 264 11.28 -6.07 12.74
CA LEU A 264 12.27 -5.85 11.70
C LEU A 264 13.41 -4.97 12.21
N VAL A 265 13.09 -3.86 12.87
CA VAL A 265 14.14 -2.99 13.42
C VAL A 265 15.10 -3.80 14.29
N ASP A 266 14.57 -4.75 15.05
CA ASP A 266 15.41 -5.50 15.98
C ASP A 266 16.41 -6.39 15.27
N ARG A 267 16.24 -6.67 13.97
CA ARG A 267 17.05 -7.66 13.28
C ARG A 267 17.64 -7.21 11.94
N PHE A 268 17.37 -5.99 11.50
CA PHE A 268 17.68 -5.61 10.13
C PHE A 268 18.19 -4.17 10.07
N ASP A 269 18.98 -3.89 9.06
CA ASP A 269 19.66 -2.61 8.91
C ASP A 269 18.95 -1.74 7.87
N ALA A 270 18.78 -0.46 8.21
CA ALA A 270 18.04 0.44 7.32
C ALA A 270 18.77 0.67 5.99
N GLY A 271 20.09 0.85 6.04
CA GLY A 271 20.83 1.06 4.81
C GLY A 271 20.72 -0.11 3.85
N THR A 272 20.83 -1.34 4.38
CA THR A 272 20.60 -2.51 3.56
C THR A 272 19.17 -2.54 3.02
N TYR A 273 18.19 -2.16 3.86
CA TYR A 273 16.82 -2.13 3.37
C TYR A 273 16.69 -1.21 2.16
N VAL A 274 17.34 -0.04 2.21
CA VAL A 274 17.30 0.90 1.10
C VAL A 274 18.01 0.31 -0.12
N THR A 275 19.25 -0.16 0.08
CA THR A 275 20.01 -0.71 -1.05
C THR A 275 19.25 -1.83 -1.75
N LEU A 276 18.67 -2.74 -0.97
CA LEU A 276 18.00 -3.89 -1.59
C LEU A 276 16.63 -3.52 -2.14
N THR A 277 15.94 -2.59 -1.50
CA THR A 277 14.70 -2.10 -2.09
C THR A 277 14.98 -1.44 -3.43
N ASP A 278 16.06 -0.67 -3.53
CA ASP A 278 16.43 -0.10 -4.82
C ASP A 278 16.71 -1.19 -5.86
N SER A 279 17.34 -2.30 -5.44
CA SER A 279 17.58 -3.38 -6.38
CA SER A 279 17.58 -3.42 -6.33
C SER A 279 16.28 -3.97 -6.90
N LEU A 280 15.24 -4.05 -6.06
CA LEU A 280 13.93 -4.50 -6.52
C LEU A 280 13.35 -3.53 -7.53
N SER A 281 13.50 -2.23 -7.28
CA SER A 281 12.91 -1.25 -8.19
C SER A 281 13.56 -1.29 -9.56
N SER A 282 14.83 -1.66 -9.65
CA SER A 282 15.54 -1.70 -10.93
C SER A 282 15.43 -3.05 -11.63
N HIS A 283 14.65 -3.99 -11.08
CA HIS A 283 14.48 -5.28 -11.72
C HIS A 283 13.82 -5.13 -13.07
N ASP A 284 14.44 -5.73 -14.09
CA ASP A 284 13.93 -5.66 -15.45
C ASP A 284 14.72 -6.64 -16.31
N VAL A 285 14.16 -7.84 -16.54
CA VAL A 285 14.89 -8.83 -17.32
CA VAL A 285 14.86 -8.85 -17.32
C VAL A 285 15.07 -8.43 -18.77
N GLY A 286 14.34 -7.42 -19.24
CA GLY A 286 14.44 -6.99 -20.62
C GLY A 286 15.51 -5.96 -20.91
N ARG A 287 16.07 -5.34 -19.88
CA ARG A 287 17.02 -4.26 -20.06
C ARG A 287 18.24 -4.75 -20.84
N GLY A 288 18.62 -4.01 -21.88
CA GLY A 288 19.75 -4.38 -22.72
C GLY A 288 19.57 -5.64 -23.53
N ARG A 289 18.36 -6.20 -23.57
CA ARG A 289 18.09 -7.46 -24.23
C ARG A 289 16.94 -7.37 -25.23
N GLY A 290 16.51 -6.17 -25.58
CA GLY A 290 15.41 -5.99 -26.51
C GLY A 290 14.05 -5.97 -25.88
N GLY A 291 13.96 -5.91 -24.55
CA GLY A 291 12.70 -5.87 -23.85
C GLY A 291 12.34 -7.21 -23.23
N VAL A 292 11.29 -7.17 -22.41
CA VAL A 292 10.92 -8.32 -21.60
C VAL A 292 10.58 -9.52 -22.50
N GLU A 293 9.79 -9.28 -23.55
CA GLU A 293 9.34 -10.39 -24.40
C GLU A 293 10.53 -11.10 -25.03
N ALA A 294 11.46 -10.34 -25.62
CA ALA A 294 12.63 -10.93 -26.23
C ALA A 294 13.45 -11.72 -25.22
N ALA A 295 13.63 -11.16 -24.02
CA ALA A 295 14.45 -11.83 -23.02
C ALA A 295 13.81 -13.12 -22.54
N LEU A 296 12.51 -13.10 -22.25
CA LEU A 296 11.83 -14.31 -21.77
C LEU A 296 11.77 -15.37 -22.86
N ARG A 297 11.54 -14.97 -24.11
CA ARG A 297 11.49 -15.95 -25.18
C ARG A 297 12.84 -16.61 -25.42
N SER A 298 13.93 -15.99 -24.94
CA SER A 298 15.27 -16.54 -25.09
C SER A 298 15.59 -17.62 -24.06
N CYS A 299 14.73 -17.83 -23.08
CA CYS A 299 15.06 -18.76 -22.00
C CYS A 299 15.31 -20.16 -22.56
N GLU A 300 16.40 -20.78 -22.11
CA GLU A 300 16.81 -22.10 -22.53
C GLU A 300 16.73 -23.10 -21.40
N VAL A 301 16.24 -22.68 -20.24
CA VAL A 301 16.29 -23.45 -19.01
C VAL A 301 14.87 -23.89 -18.68
N PRO A 302 14.65 -25.16 -18.36
CA PRO A 302 13.32 -25.56 -17.87
C PRO A 302 13.02 -24.84 -16.56
N VAL A 303 11.84 -24.21 -16.51
CA VAL A 303 11.44 -23.45 -15.33
C VAL A 303 10.03 -23.84 -14.92
N VAL A 304 9.80 -23.80 -13.61
CA VAL A 304 8.48 -23.88 -13.02
C VAL A 304 8.15 -22.50 -12.50
N VAL A 305 6.96 -21.99 -12.83
CA VAL A 305 6.52 -20.66 -12.41
C VAL A 305 5.31 -20.83 -11.50
N GLY A 306 5.34 -20.17 -10.36
CA GLY A 306 4.23 -20.21 -9.41
C GLY A 306 3.82 -18.82 -8.95
N GLY A 307 2.52 -18.63 -8.82
CA GLY A 307 1.97 -17.39 -8.29
C GLY A 307 0.84 -17.71 -7.31
N PHE A 308 0.49 -16.70 -6.52
CA PHE A 308 -0.47 -16.87 -5.44
C PHE A 308 -1.68 -15.97 -5.65
N THR A 309 -2.87 -16.57 -5.51
CA THR A 309 -4.10 -15.90 -5.95
C THR A 309 -4.33 -14.56 -5.27
N SER A 310 -4.00 -14.44 -3.99
CA SER A 310 -4.30 -13.23 -3.21
C SER A 310 -3.13 -12.25 -3.13
N ASP A 311 -2.04 -12.51 -3.84
CA ASP A 311 -0.87 -11.64 -3.80
C ASP A 311 -1.23 -10.24 -4.32
N ARG A 312 -1.00 -9.23 -3.50
CA ARG A 312 -1.28 -7.85 -3.84
C ARG A 312 -0.05 -7.06 -4.26
N LEU A 313 1.15 -7.64 -4.10
CA LEU A 313 2.38 -6.93 -4.43
C LEU A 313 2.94 -7.38 -5.77
N TYR A 314 2.97 -8.70 -6.02
CA TYR A 314 3.34 -9.29 -7.31
C TYR A 314 2.12 -10.05 -7.81
N PRO A 315 1.10 -9.35 -8.32
CA PRO A 315 -0.17 -10.03 -8.62
C PRO A 315 -0.02 -11.11 -9.67
N LEU A 316 -1.00 -12.01 -9.68
CA LEU A 316 -0.95 -13.21 -10.49
C LEU A 316 -0.73 -12.93 -11.98
N ARG A 317 -1.23 -11.79 -12.48
CA ARG A 317 -1.05 -11.46 -13.89
C ARG A 317 0.41 -11.44 -14.27
N LEU A 318 1.30 -11.10 -13.34
CA LEU A 318 2.73 -11.05 -13.64
C LEU A 318 3.29 -12.44 -13.86
N GLN A 319 2.82 -13.44 -13.10
CA GLN A 319 3.28 -14.80 -13.30
C GLN A 319 2.64 -15.44 -14.52
N GLU A 320 1.40 -15.07 -14.84
CA GLU A 320 0.81 -15.47 -16.11
C GLU A 320 1.67 -15.02 -17.27
N GLU A 321 2.14 -13.77 -17.22
CA GLU A 321 3.00 -13.27 -18.28
C GLU A 321 4.29 -14.07 -18.38
N LEU A 322 4.93 -14.33 -17.24
CA LEU A 322 6.16 -15.14 -17.26
C LEU A 322 5.90 -16.48 -17.94
N ALA A 323 4.85 -17.18 -17.53
CA ALA A 323 4.59 -18.49 -18.10
C ALA A 323 4.26 -18.41 -19.57
N GLU A 324 3.49 -17.40 -19.97
CA GLU A 324 3.10 -17.29 -21.37
C GLU A 324 4.31 -17.09 -22.26
N LEU A 325 5.26 -16.24 -21.84
CA LEU A 325 6.35 -15.83 -22.70
C LEU A 325 7.57 -16.74 -22.62
N MET A 326 7.75 -17.49 -21.54
CA MET A 326 8.94 -18.34 -21.47
C MET A 326 8.67 -19.69 -22.14
N PRO A 327 9.61 -20.22 -22.93
CA PRO A 327 9.39 -21.56 -23.50
C PRO A 327 9.13 -22.64 -22.44
N GLY A 328 9.28 -22.31 -21.16
CA GLY A 328 8.98 -23.23 -20.08
C GLY A 328 10.20 -24.02 -19.64
N GLY A 331 3.11 -24.31 -18.23
CA GLY A 331 1.94 -23.61 -17.75
C GLY A 331 2.09 -23.07 -16.33
N LEU A 332 1.38 -21.98 -16.05
CA LEU A 332 1.47 -21.35 -14.74
C LEU A 332 0.89 -22.26 -13.67
N ASN A 333 1.62 -22.42 -12.56
CA ASN A 333 1.08 -23.06 -11.38
C ASN A 333 0.44 -21.99 -10.50
N VAL A 334 -0.89 -22.02 -10.43
CA VAL A 334 -1.65 -21.08 -9.61
C VAL A 334 -1.87 -21.73 -8.26
N VAL A 335 -1.37 -21.10 -7.22
CA VAL A 335 -1.54 -21.58 -5.84
C VAL A 335 -2.67 -20.78 -5.21
N GLU A 336 -3.76 -21.47 -4.90
CA GLU A 336 -4.85 -20.89 -4.15
C GLU A 336 -4.40 -20.68 -2.71
N SER A 337 -4.29 -19.43 -2.30
CA SER A 337 -3.78 -19.11 -0.98
C SER A 337 -4.45 -17.83 -0.49
N ILE A 338 -4.75 -17.79 0.81
CA ILE A 338 -5.31 -16.58 1.41
C ILE A 338 -4.23 -15.60 1.85
N TYR A 339 -2.95 -16.02 1.89
CA TYR A 339 -1.94 -15.28 2.63
C TYR A 339 -1.25 -14.18 1.82
N GLY A 340 -1.75 -13.86 0.63
CA GLY A 340 -1.10 -12.82 -0.13
C GLY A 340 0.27 -13.24 -0.62
N HIS A 341 1.13 -12.24 -0.77
CA HIS A 341 2.51 -12.48 -1.21
C HIS A 341 3.23 -13.45 -0.28
N ASP A 342 2.94 -13.36 1.02
CA ASP A 342 3.58 -14.24 2.00
C ASP A 342 3.21 -15.70 1.78
N GLY A 343 2.28 -15.99 0.87
CA GLY A 343 2.01 -17.37 0.52
C GLY A 343 3.25 -18.15 0.14
N PHE A 344 4.22 -17.50 -0.50
CA PHE A 344 5.41 -18.25 -0.90
C PHE A 344 6.22 -18.73 0.31
N LEU A 345 6.08 -18.06 1.45
CA LEU A 345 6.73 -18.50 2.68
C LEU A 345 5.85 -19.46 3.48
N ILE A 346 4.54 -19.30 3.41
CA ILE A 346 3.63 -20.02 4.29
C ILE A 346 3.12 -21.34 3.71
N GLU A 347 2.91 -21.41 2.39
CA GLU A 347 2.26 -22.59 1.77
C GLU A 347 3.29 -23.69 1.51
N THR A 348 3.76 -24.29 2.61
CA THR A 348 4.86 -25.25 2.54
C THR A 348 4.57 -26.39 1.56
N GLU A 349 3.33 -26.90 1.60
CA GLU A 349 3.00 -28.07 0.79
C GLU A 349 2.92 -27.72 -0.69
N ALA A 350 2.26 -26.60 -1.02
CA ALA A 350 2.14 -26.20 -2.42
C ALA A 350 3.49 -25.81 -2.99
N VAL A 351 4.29 -25.07 -2.21
CA VAL A 351 5.63 -24.70 -2.66
C VAL A 351 6.50 -25.95 -2.79
N GLY A 352 6.35 -26.89 -1.85
CA GLY A 352 7.14 -28.11 -1.91
C GLY A 352 6.87 -28.92 -3.16
N LYS A 353 5.60 -28.99 -3.57
CA LYS A 353 5.27 -29.67 -4.82
C LYS A 353 5.98 -29.02 -5.99
N LEU A 354 6.03 -27.68 -6.02
CA LEU A 354 6.68 -26.98 -7.11
C LEU A 354 8.19 -27.16 -7.09
N ILE A 355 8.78 -27.15 -5.89
CA ILE A 355 10.21 -27.46 -5.76
C ILE A 355 10.49 -28.85 -6.31
N ARG A 356 9.67 -29.84 -5.93
CA ARG A 356 9.95 -31.20 -6.36
C ARG A 356 9.81 -31.36 -7.87
N GLN A 357 8.84 -30.66 -8.46
CA GLN A 357 8.75 -30.60 -9.92
C GLN A 357 10.01 -30.02 -10.53
N THR A 358 10.52 -28.93 -9.95
CA THR A 358 11.73 -28.31 -10.47
C THR A 358 12.90 -29.29 -10.38
N LEU A 359 13.04 -30.00 -9.26
CA LEU A 359 14.20 -30.89 -9.11
C LEU A 359 14.11 -32.09 -10.04
N GLU A 360 12.90 -32.51 -10.41
CA GLU A 360 12.77 -33.57 -11.41
C GLU A 360 13.25 -33.10 -12.78
N LEU A 361 13.02 -31.82 -13.10
CA LEU A 361 13.48 -31.28 -14.38
C LEU A 361 14.99 -31.18 -14.42
N ALA A 362 15.64 -31.08 -13.27
CA ALA A 362 17.08 -30.97 -13.20
C ALA A 362 17.76 -32.32 -13.18
N SER A 363 17.05 -33.36 -12.77
CA SER A 363 17.59 -34.71 -12.71
C SER A 363 17.65 -35.27 -14.13
N LEU B 8 -19.56 30.59 -0.06
CA LEU B 8 -19.18 29.92 1.19
C LEU B 8 -19.79 30.60 2.39
N GLY B 9 -20.81 29.98 2.98
CA GLY B 9 -21.40 30.48 4.21
C GLY B 9 -21.06 29.61 5.40
N ILE B 10 -21.11 30.18 6.60
CA ILE B 10 -20.75 29.48 7.82
C ILE B 10 -21.99 29.45 8.71
N VAL B 11 -22.42 28.25 9.10
CA VAL B 11 -23.63 28.05 9.89
C VAL B 11 -23.22 27.70 11.32
N ASP B 12 -23.64 28.52 12.28
CA ASP B 12 -23.38 28.24 13.69
C ASP B 12 -24.40 27.22 14.19
N ILE B 13 -23.93 26.08 14.71
CA ILE B 13 -24.83 25.08 15.29
C ILE B 13 -24.70 24.98 16.80
N GLY B 14 -23.91 25.84 17.44
CA GLY B 14 -23.77 25.78 18.89
C GLY B 14 -22.96 24.56 19.34
N ALA B 15 -23.16 24.20 20.60
CA ALA B 15 -22.42 23.09 21.18
C ALA B 15 -22.94 21.77 20.62
N LEU B 16 -22.02 20.85 20.35
CA LEU B 16 -22.38 19.54 19.85
C LEU B 16 -21.81 18.48 20.79
N THR B 17 -22.67 17.59 21.25
CA THR B 17 -22.24 16.46 22.06
C THR B 17 -21.97 15.30 21.13
N LEU B 18 -20.76 14.76 21.21
CA LEU B 18 -20.34 13.70 20.32
C LEU B 18 -20.73 12.34 20.87
N GLU B 19 -20.64 11.34 19.99
CA GLU B 19 -20.95 9.96 20.34
C GLU B 19 -20.21 9.52 21.61
N SER B 20 -18.98 9.99 21.79
CA SER B 20 -18.17 9.64 22.95
C SER B 20 -18.64 10.31 24.25
N GLY B 21 -19.48 11.33 24.17
CA GLY B 21 -19.80 12.15 25.32
C GLY B 21 -19.02 13.45 25.39
N ALA B 22 -17.91 13.56 24.66
CA ALA B 22 -17.20 14.82 24.59
C ALA B 22 -18.06 15.88 23.93
N VAL B 23 -17.83 17.14 24.30
CA VAL B 23 -18.58 18.26 23.76
C VAL B 23 -17.62 19.19 23.04
N ILE B 24 -18.01 19.64 21.84
CA ILE B 24 -17.29 20.68 21.14
C ILE B 24 -18.13 21.94 21.21
N ASP B 25 -17.55 22.99 21.78
CA ASP B 25 -18.26 24.26 21.88
C ASP B 25 -18.34 24.92 20.50
N ASN B 26 -19.43 25.65 20.28
CA ASN B 26 -19.51 26.64 19.21
C ASN B 26 -19.08 26.05 17.87
N VAL B 27 -19.69 24.90 17.51
CA VAL B 27 -19.37 24.27 16.24
C VAL B 27 -19.92 25.12 15.11
N GLN B 28 -19.11 25.28 14.07
CA GLN B 28 -19.49 25.95 12.84
C GLN B 28 -19.30 24.99 11.68
N ILE B 29 -20.25 25.01 10.75
CA ILE B 29 -20.23 24.16 9.56
C ILE B 29 -20.31 25.05 8.34
N ALA B 30 -19.30 24.95 7.49
CA ALA B 30 -19.29 25.67 6.22
C ALA B 30 -20.21 24.96 5.23
N VAL B 31 -20.94 25.76 4.46
CA VAL B 31 -21.93 25.25 3.51
C VAL B 31 -21.79 26.01 2.20
N GLU B 32 -21.88 25.28 1.08
CA GLU B 32 -22.02 25.86 -0.24
C GLU B 32 -23.24 25.26 -0.92
N ARG B 33 -23.87 26.06 -1.78
CA ARG B 33 -25.13 25.73 -2.42
C ARG B 33 -25.07 26.06 -3.91
N TRP B 34 -25.65 25.19 -4.73
CA TRP B 34 -25.86 25.44 -6.15
C TRP B 34 -27.30 25.10 -6.47
N GLY B 35 -27.98 26.04 -7.12
CA GLY B 35 -29.38 25.83 -7.45
C GLY B 35 -30.29 26.44 -6.41
N GLU B 36 -31.49 26.81 -6.83
CA GLU B 36 -32.44 27.46 -5.95
C GLU B 36 -33.21 26.42 -5.14
N LEU B 37 -33.44 26.76 -3.87
CA LEU B 37 -34.29 25.94 -3.01
C LEU B 37 -35.75 26.15 -3.39
N SER B 38 -36.49 25.04 -3.55
CA SER B 38 -37.89 25.12 -3.94
C SER B 38 -38.73 25.70 -2.81
N PRO B 39 -39.93 26.22 -3.13
CA PRO B 39 -40.79 26.78 -2.07
C PRO B 39 -41.05 25.82 -0.92
N SER B 40 -41.24 24.54 -1.19
CA SER B 40 -41.47 23.56 -0.13
C SER B 40 -40.17 23.01 0.46
N ARG B 41 -39.02 23.41 -0.08
CA ARG B 41 -37.72 22.93 0.38
C ARG B 41 -37.57 21.43 0.16
N ASP B 42 -38.24 20.89 -0.86
CA ASP B 42 -38.27 19.46 -1.10
C ASP B 42 -37.22 18.99 -2.12
N ASN B 43 -36.32 19.87 -2.56
CA ASN B 43 -35.41 19.55 -3.66
C ASN B 43 -33.95 19.56 -3.27
N VAL B 44 -33.62 19.27 -2.01
CA VAL B 44 -32.24 19.35 -1.53
C VAL B 44 -31.53 18.03 -1.80
N VAL B 45 -30.36 18.12 -2.43
CA VAL B 45 -29.46 16.99 -2.63
C VAL B 45 -28.17 17.32 -1.89
N VAL B 46 -27.86 16.53 -0.87
CA VAL B 46 -26.67 16.76 -0.05
C VAL B 46 -25.52 15.99 -0.67
N VAL B 47 -24.45 16.70 -1.01
CA VAL B 47 -23.25 16.09 -1.59
C VAL B 47 -22.20 16.01 -0.49
N LEU B 48 -21.72 14.79 -0.22
CA LEU B 48 -20.87 14.49 0.93
C LEU B 48 -19.45 14.21 0.43
N HIS B 49 -18.52 15.10 0.78
CA HIS B 49 -17.15 14.99 0.28
C HIS B 49 -16.36 13.90 1.00
N ALA B 50 -15.24 13.52 0.37
CA ALA B 50 -14.35 12.46 0.83
C ALA B 50 -13.22 13.05 1.68
N LEU B 51 -12.23 12.21 2.02
CA LEU B 51 -11.26 12.55 3.06
C LEU B 51 -10.64 13.93 2.89
N THR B 52 -10.09 14.23 1.70
CA THR B 52 -9.39 15.50 1.49
C THR B 52 -10.18 16.47 0.64
N GLY B 53 -11.48 16.23 0.47
CA GLY B 53 -12.35 17.14 -0.22
C GLY B 53 -12.87 18.22 0.71
N ASP B 54 -13.82 18.99 0.20
CA ASP B 54 -14.39 20.11 0.95
C ASP B 54 -15.75 20.44 0.33
N SER B 55 -16.28 21.62 0.68
CA SER B 55 -17.59 22.00 0.16
C SER B 55 -17.56 22.46 -1.29
N HIS B 56 -16.39 22.63 -1.90
CA HIS B 56 -16.28 23.15 -3.27
C HIS B 56 -16.51 22.01 -4.26
N VAL B 57 -17.79 21.67 -4.46
CA VAL B 57 -18.18 20.55 -5.31
C VAL B 57 -18.13 20.94 -6.78
N ALA B 58 -18.59 22.14 -7.12
CA ALA B 58 -18.80 22.52 -8.51
C ALA B 58 -18.32 23.95 -8.72
N GLY B 59 -18.07 24.26 -9.99
CA GLY B 59 -17.57 25.56 -10.37
C GLY B 59 -16.23 25.44 -11.07
N PRO B 60 -15.94 26.34 -12.02
CA PRO B 60 -14.64 26.31 -12.68
C PRO B 60 -13.69 27.38 -12.16
N PRO B 68 -10.85 23.61 -9.37
CA PRO B 68 -12.24 23.44 -9.81
C PRO B 68 -12.96 22.35 -9.02
N GLY B 69 -14.28 22.50 -8.85
CA GLY B 69 -15.06 21.63 -8.00
C GLY B 69 -14.73 20.16 -8.14
N TRP B 70 -14.61 19.45 -7.01
CA TRP B 70 -14.15 18.07 -7.06
C TRP B 70 -15.14 17.13 -7.74
N TRP B 71 -16.41 17.53 -7.88
CA TRP B 71 -17.41 16.74 -8.60
C TRP B 71 -18.14 17.61 -9.61
N ASP B 72 -17.40 18.51 -10.26
CA ASP B 72 -18.02 19.47 -11.17
C ASP B 72 -18.75 18.79 -12.31
N GLY B 73 -18.28 17.62 -12.75
CA GLY B 73 -18.91 16.92 -13.85
C GLY B 73 -20.33 16.47 -13.59
N VAL B 74 -20.75 16.42 -12.32
CA VAL B 74 -22.07 15.89 -11.96
C VAL B 74 -22.97 16.91 -11.28
N VAL B 75 -22.53 18.16 -11.12
CA VAL B 75 -23.33 19.21 -10.50
C VAL B 75 -23.33 20.44 -11.39
N GLY B 76 -24.51 20.88 -11.79
CA GLY B 76 -24.64 22.07 -12.61
C GLY B 76 -25.88 22.02 -13.50
N PRO B 77 -26.07 23.06 -14.32
CA PRO B 77 -27.22 23.06 -15.24
C PRO B 77 -27.15 21.90 -16.22
N GLY B 78 -28.17 21.06 -16.20
CA GLY B 78 -28.23 19.90 -17.06
C GLY B 78 -27.34 18.74 -16.64
N ALA B 79 -26.66 18.84 -15.51
CA ALA B 79 -25.81 17.77 -15.01
C ALA B 79 -26.65 16.72 -14.29
N ALA B 80 -25.98 15.66 -13.84
CA ALA B 80 -26.66 14.58 -13.12
C ALA B 80 -27.47 15.15 -11.96
N ILE B 81 -26.88 16.04 -11.17
CA ILE B 81 -27.62 16.85 -10.20
C ILE B 81 -27.88 18.17 -10.94
N ASP B 82 -29.05 18.24 -11.57
CA ASP B 82 -29.40 19.37 -12.43
C ASP B 82 -29.86 20.53 -11.55
N THR B 83 -29.01 21.54 -11.42
CA THR B 83 -29.28 22.64 -10.50
C THR B 83 -30.41 23.54 -10.96
N ARG B 84 -30.96 23.33 -12.16
CA ARG B 84 -32.19 24.02 -12.55
C ARG B 84 -33.40 23.47 -11.80
N ARG B 85 -33.30 22.26 -11.26
CA ARG B 85 -34.38 21.57 -10.58
C ARG B 85 -34.05 21.26 -9.13
N TRP B 86 -32.82 20.89 -8.83
CA TRP B 86 -32.39 20.51 -7.51
C TRP B 86 -31.53 21.58 -6.89
N CYS B 87 -31.50 21.60 -5.55
CA CYS B 87 -30.63 22.46 -4.76
C CYS B 87 -29.53 21.59 -4.17
N ALA B 88 -28.34 21.66 -4.74
CA ALA B 88 -27.21 20.88 -4.28
C ALA B 88 -26.53 21.62 -3.14
N ILE B 89 -26.41 20.96 -1.99
CA ILE B 89 -25.80 21.53 -0.81
C ILE B 89 -24.65 20.63 -0.38
N ALA B 90 -23.49 21.23 -0.14
CA ALA B 90 -22.34 20.50 0.38
C ALA B 90 -21.80 21.23 1.60
N THR B 91 -21.50 20.48 2.65
CA THR B 91 -20.82 21.03 3.81
C THR B 91 -19.34 20.70 3.72
N ASN B 92 -18.56 21.42 4.53
CA ASN B 92 -17.26 20.93 4.95
C ASN B 92 -17.49 20.11 6.21
N VAL B 93 -16.97 18.87 6.20
CA VAL B 93 -17.22 17.94 7.29
C VAL B 93 -16.69 18.48 8.62
N LEU B 94 -17.37 18.11 9.70
CA LEU B 94 -16.87 18.35 11.04
C LEU B 94 -15.49 17.71 11.18
N GLY B 95 -14.52 18.49 11.66
CA GLY B 95 -13.12 18.09 11.69
C GLY B 95 -12.30 18.63 10.54
N GLY B 96 -12.95 19.23 9.55
CA GLY B 96 -12.27 19.73 8.38
C GLY B 96 -11.52 21.02 8.61
N CYS B 97 -10.92 21.51 7.53
CA CYS B 97 -10.04 22.68 7.58
C CYS B 97 -10.43 23.75 6.58
N ARG B 98 -11.58 23.62 5.91
CA ARG B 98 -12.00 24.65 4.97
C ARG B 98 -13.31 25.30 5.41
N GLY B 99 -13.36 25.77 6.65
CA GLY B 99 -14.46 26.57 7.15
C GLY B 99 -15.18 25.96 8.33
N SER B 100 -15.20 24.63 8.40
CA SER B 100 -15.86 23.97 9.52
C SER B 100 -14.90 23.82 10.70
N THR B 101 -15.49 23.60 11.88
CA THR B 101 -14.71 23.41 13.09
C THR B 101 -13.85 22.14 12.98
N GLY B 102 -12.56 22.31 13.24
CA GLY B 102 -11.58 21.26 13.23
C GLY B 102 -10.43 21.59 14.16
N PRO B 103 -9.37 20.76 14.15
CA PRO B 103 -8.29 20.95 15.13
C PRO B 103 -7.59 22.30 15.02
N GLY B 104 -7.57 22.92 13.84
CA GLY B 104 -6.99 24.24 13.70
C GLY B 104 -7.89 25.38 14.12
N SER B 105 -9.15 25.07 14.43
CA SER B 105 -10.08 26.08 14.90
C SER B 105 -9.74 26.49 16.33
N LEU B 106 -10.24 27.66 16.73
CA LEU B 106 -9.92 28.18 18.04
C LEU B 106 -10.76 27.53 19.13
N HIS B 107 -10.07 27.07 20.17
CA HIS B 107 -10.64 26.56 21.40
C HIS B 107 -11.17 27.74 22.21
N PRO B 108 -12.06 27.50 23.18
CA PRO B 108 -12.51 28.59 24.05
C PRO B 108 -11.39 29.37 24.73
N ASP B 109 -10.20 28.77 24.89
CA ASP B 109 -9.09 29.47 25.54
C ASP B 109 -8.32 30.36 24.57
N GLY B 110 -8.71 30.42 23.31
CA GLY B 110 -8.10 31.32 22.35
C GLY B 110 -6.97 30.72 21.55
N LYS B 111 -6.54 29.51 21.89
CA LYS B 111 -5.54 28.78 21.12
C LYS B 111 -6.23 27.74 20.24
N ALA B 112 -5.52 27.24 19.24
CA ALA B 112 -6.08 26.19 18.41
C ALA B 112 -6.40 24.97 19.28
N TRP B 113 -7.49 24.28 18.93
CA TRP B 113 -7.83 23.04 19.61
C TRP B 113 -6.64 22.10 19.63
N GLY B 114 -6.05 21.84 18.46
CA GLY B 114 -4.87 20.98 18.36
C GLY B 114 -5.09 19.65 19.02
N SER B 115 -4.19 19.29 19.94
CA SER B 115 -4.24 17.99 20.61
C SER B 115 -5.51 17.81 21.44
N ARG B 116 -6.21 18.90 21.75
CA ARG B 116 -7.41 18.81 22.54
C ARG B 116 -8.64 18.50 21.70
N PHE B 117 -8.53 18.53 20.37
CA PHE B 117 -9.69 18.27 19.54
C PHE B 117 -10.14 16.83 19.78
N PRO B 118 -11.41 16.60 20.09
CA PRO B 118 -11.85 15.23 20.38
C PRO B 118 -11.90 14.37 19.13
N ALA B 119 -11.88 13.06 19.35
CA ALA B 119 -12.15 12.13 18.28
C ALA B 119 -13.57 12.33 17.77
N VAL B 120 -13.73 12.33 16.46
CA VAL B 120 -15.04 12.46 15.84
CA VAL B 120 -15.03 12.47 15.82
C VAL B 120 -15.31 11.21 15.01
N THR B 121 -16.57 10.79 15.00
CA THR B 121 -17.01 9.66 14.21
C THR B 121 -17.82 10.16 13.02
N VAL B 122 -17.99 9.27 12.04
CA VAL B 122 -18.88 9.55 10.92
C VAL B 122 -20.27 9.89 11.44
N ARG B 123 -20.72 9.22 12.50
CA ARG B 123 -22.03 9.53 13.05
C ARG B 123 -22.09 10.96 13.57
N ASP B 124 -21.03 11.41 14.25
CA ASP B 124 -20.95 12.81 14.67
C ASP B 124 -21.03 13.73 13.47
N GLN B 125 -20.32 13.39 12.38
CA GLN B 125 -20.29 14.24 11.20
C GLN B 125 -21.68 14.36 10.57
N VAL B 126 -22.43 13.26 10.52
CA VAL B 126 -23.80 13.31 10.02
C VAL B 126 -24.65 14.23 10.88
N ARG B 127 -24.54 14.08 12.22
CA ARG B 127 -25.38 14.92 13.08
C ARG B 127 -25.02 16.39 12.97
N ALA B 128 -23.74 16.72 12.73
CA ALA B 128 -23.35 18.11 12.53
C ALA B 128 -23.93 18.66 11.22
N ASP B 129 -23.89 17.87 10.15
CA ASP B 129 -24.47 18.29 8.88
C ASP B 129 -25.97 18.53 9.02
N LEU B 130 -26.67 17.59 9.67
CA LEU B 130 -28.10 17.73 9.87
C LEU B 130 -28.42 18.97 10.69
N ALA B 131 -27.61 19.25 11.71
CA ALA B 131 -27.83 20.45 12.51
C ALA B 131 -27.64 21.71 11.66
N ALA B 132 -26.65 21.70 10.76
CA ALA B 132 -26.45 22.85 9.87
C ALA B 132 -27.65 23.05 8.96
N LEU B 133 -28.13 21.96 8.36
CA LEU B 133 -29.36 22.04 7.56
C LEU B 133 -30.52 22.56 8.38
N ASN B 134 -30.69 22.03 9.59
CA ASN B 134 -31.84 22.43 10.41
C ASN B 134 -31.75 23.91 10.76
N ALA B 135 -30.55 24.41 11.04
CA ALA B 135 -30.35 25.83 11.31
C ALA B 135 -30.69 26.69 10.09
N MET B 136 -30.63 26.11 8.89
CA MET B 136 -31.00 26.78 7.66
C MET B 136 -32.47 26.59 7.31
N GLY B 137 -33.24 25.93 8.17
CA GLY B 137 -34.65 25.67 7.90
C GLY B 137 -34.91 24.53 6.95
N ILE B 138 -33.95 23.61 6.79
CA ILE B 138 -34.11 22.42 5.96
C ILE B 138 -34.21 21.22 6.87
N HIS B 139 -35.26 20.41 6.68
CA HIS B 139 -35.60 19.34 7.61
C HIS B 139 -35.68 17.96 6.97
N GLN B 140 -35.83 17.88 5.66
CA GLN B 140 -35.80 16.60 4.96
C GLN B 140 -35.15 16.85 3.62
N VAL B 141 -34.21 16.00 3.24
CA VAL B 141 -33.52 16.17 1.97
C VAL B 141 -34.03 15.12 1.01
N ALA B 142 -34.00 15.46 -0.28
CA ALA B 142 -34.39 14.49 -1.29
C ALA B 142 -33.40 13.34 -1.34
N ALA B 143 -32.10 13.63 -1.27
CA ALA B 143 -31.11 12.58 -1.42
C ALA B 143 -29.81 12.99 -0.76
N VAL B 144 -29.05 11.99 -0.32
CA VAL B 144 -27.66 12.14 0.07
C VAL B 144 -26.84 11.34 -0.94
N VAL B 145 -25.70 11.89 -1.34
CA VAL B 145 -24.84 11.23 -2.32
CA VAL B 145 -24.84 11.25 -2.32
C VAL B 145 -23.39 11.41 -1.90
N GLY B 146 -22.63 10.32 -1.96
CA GLY B 146 -21.22 10.42 -1.64
C GLY B 146 -20.47 9.14 -1.95
N GLY B 147 -19.17 9.30 -2.17
CA GLY B 147 -18.26 8.19 -2.35
C GLY B 147 -17.16 8.26 -1.32
N SER B 148 -16.59 7.09 -1.00
CA SER B 148 -15.44 6.99 -0.09
C SER B 148 -15.90 7.46 1.30
N MET B 149 -15.17 8.35 1.98
CA MET B 149 -15.65 8.88 3.25
C MET B 149 -17.04 9.48 3.10
N GLY B 150 -17.33 10.06 1.93
CA GLY B 150 -18.66 10.58 1.69
C GLY B 150 -19.70 9.48 1.58
N GLY B 151 -19.29 8.30 1.09
CA GLY B 151 -20.17 7.15 1.13
C GLY B 151 -20.43 6.64 2.53
N ALA B 152 -19.42 6.69 3.41
CA ALA B 152 -19.65 6.33 4.81
C ALA B 152 -20.64 7.31 5.45
N ARG B 153 -20.47 8.59 5.17
CA ARG B 153 -21.39 9.60 5.68
C ARG B 153 -22.80 9.35 5.16
N ALA B 154 -22.93 9.08 3.86
CA ALA B 154 -24.25 8.80 3.29
C ALA B 154 -24.87 7.55 3.91
N LEU B 155 -24.08 6.50 4.13
CA LEU B 155 -24.60 5.28 4.72
C LEU B 155 -25.10 5.52 6.15
N GLU B 156 -24.31 6.23 6.96
CA GLU B 156 -24.74 6.49 8.33
C GLU B 156 -25.94 7.43 8.35
N TRP B 157 -26.06 8.32 7.37
CA TRP B 157 -27.24 9.17 7.29
C TRP B 157 -28.49 8.35 7.04
N VAL B 158 -28.45 7.45 6.05
CA VAL B 158 -29.65 6.68 5.74
C VAL B 158 -30.00 5.69 6.85
N ILE B 159 -29.01 5.12 7.53
CA ILE B 159 -29.29 4.13 8.59
C ILE B 159 -29.68 4.82 9.89
N GLY B 160 -29.00 5.91 10.24
CA GLY B 160 -29.22 6.57 11.50
C GLY B 160 -30.35 7.59 11.49
N HIS B 161 -30.63 8.18 10.34
CA HIS B 161 -31.63 9.24 10.25
C HIS B 161 -32.51 9.08 9.01
N PRO B 162 -33.13 7.91 8.82
CA PRO B 162 -33.89 7.69 7.58
C PRO B 162 -35.04 8.65 7.42
N GLU B 163 -35.61 9.15 8.52
CA GLU B 163 -36.73 10.08 8.42
C GLU B 163 -36.35 11.38 7.74
N THR B 164 -35.06 11.68 7.62
CA THR B 164 -34.60 12.96 7.09
C THR B 164 -34.21 12.91 5.61
N VAL B 165 -34.34 11.77 4.94
CA VAL B 165 -33.78 11.62 3.60
C VAL B 165 -34.65 10.65 2.82
N ARG B 166 -34.92 10.99 1.55
CA ARG B 166 -35.80 10.19 0.72
C ARG B 166 -35.08 9.13 -0.10
N ALA B 167 -33.80 9.30 -0.41
CA ALA B 167 -33.02 8.32 -1.17
C ALA B 167 -31.54 8.56 -0.94
N GLY B 168 -30.75 7.54 -1.21
CA GLY B 168 -29.30 7.66 -1.06
C GLY B 168 -28.50 6.97 -2.13
N LEU B 169 -27.39 7.59 -2.51
CA LEU B 169 -26.38 6.96 -3.37
C LEU B 169 -25.12 6.73 -2.54
N ILE B 170 -24.72 5.48 -2.43
CA ILE B 170 -23.59 5.07 -1.60
C ILE B 170 -22.55 4.43 -2.53
N LEU B 171 -21.40 5.09 -2.66
CA LEU B 171 -20.37 4.67 -3.62
C LEU B 171 -19.08 4.33 -2.90
N ALA B 172 -18.47 3.20 -3.29
CA ALA B 172 -17.06 2.94 -3.00
C ALA B 172 -16.77 3.06 -1.51
N VAL B 173 -17.51 2.29 -0.73
CA VAL B 173 -17.34 2.25 0.73
C VAL B 173 -17.86 0.89 1.20
N GLY B 174 -17.56 0.55 2.46
CA GLY B 174 -18.08 -0.64 3.09
C GLY B 174 -18.91 -0.31 4.33
N ALA B 175 -19.46 -1.36 4.93
CA ALA B 175 -20.35 -1.21 6.08
C ALA B 175 -19.57 -0.82 7.34
N ARG B 176 -18.31 -1.24 7.42
CA ARG B 176 -17.43 -0.86 8.51
C ARG B 176 -16.02 -0.80 7.95
N ALA B 177 -15.14 -0.13 8.68
CA ALA B 177 -13.72 -0.15 8.33
C ALA B 177 -13.21 -1.58 8.37
N THR B 178 -12.35 -1.92 7.42
CA THR B 178 -11.70 -3.22 7.34
C THR B 178 -10.33 -3.15 7.99
N ALA B 179 -9.76 -4.32 8.23
CA ALA B 179 -8.42 -4.40 8.79
C ALA B 179 -7.39 -3.74 7.86
N ASP B 180 -7.50 -3.94 6.55
CA ASP B 180 -6.52 -3.32 5.64
C ASP B 180 -6.66 -1.81 5.65
N GLN B 181 -7.89 -1.30 5.73
CA GLN B 181 -8.09 0.15 5.78
C GLN B 181 -7.51 0.72 7.06
N ILE B 182 -7.82 0.11 8.19
CA ILE B 182 -7.29 0.59 9.47
C ILE B 182 -5.77 0.46 9.47
N GLY B 183 -5.25 -0.62 8.89
CA GLY B 183 -3.81 -0.77 8.76
C GLY B 183 -3.15 0.40 8.06
N THR B 184 -3.60 0.73 6.85
CA THR B 184 -2.97 1.83 6.14
C THR B 184 -3.28 3.18 6.79
N GLN B 185 -4.51 3.34 7.28
CA GLN B 185 -4.88 4.59 7.93
C GLN B 185 -4.04 4.85 9.17
N SER B 186 -3.91 3.85 10.04
CA SER B 186 -3.14 4.03 11.27
C SER B 186 -1.68 4.29 10.98
N THR B 187 -1.14 3.67 9.94
CA THR B 187 0.26 3.89 9.60
C THR B 187 0.48 5.25 8.93
N GLN B 188 -0.50 5.72 8.15
CA GLN B 188 -0.43 7.08 7.63
C GLN B 188 -0.41 8.09 8.78
N VAL B 189 -1.28 7.90 9.77
CA VAL B 189 -1.27 8.77 10.94
C VAL B 189 0.05 8.67 11.69
N ALA B 190 0.59 7.46 11.85
CA ALA B 190 1.87 7.30 12.52
C ALA B 190 2.98 8.06 11.80
N ALA B 191 2.94 8.08 10.47
CA ALA B 191 3.96 8.82 9.72
C ALA B 191 3.87 10.32 10.00
N ILE B 192 2.66 10.85 10.10
CA ILE B 192 2.47 12.26 10.43
C ILE B 192 2.96 12.55 11.85
N LYS B 193 2.56 11.71 12.81
CA LYS B 193 2.94 11.94 14.19
C LYS B 193 4.44 11.78 14.43
N ALA B 194 5.13 11.05 13.55
CA ALA B 194 6.57 10.88 13.64
C ALA B 194 7.33 12.07 13.10
N ASP B 195 6.67 12.99 12.40
CA ASP B 195 7.33 14.18 11.90
C ASP B 195 7.75 15.04 13.08
N PRO B 196 9.00 15.51 13.12
CA PRO B 196 9.45 16.33 14.26
C PRO B 196 8.61 17.57 14.49
N ASN B 197 7.90 18.06 13.49
CA ASN B 197 7.13 19.29 13.61
C ASN B 197 5.68 19.03 14.03
N TRP B 198 5.28 17.78 14.22
CA TRP B 198 3.91 17.48 14.65
C TRP B 198 3.61 18.13 15.99
N GLN B 199 4.56 18.10 16.92
CA GLN B 199 4.44 18.77 18.21
C GLN B 199 3.15 18.36 18.93
N ASN B 200 2.89 17.06 18.93
CA ASN B 200 1.72 16.47 19.58
C ASN B 200 0.40 16.94 18.96
N GLY B 201 0.46 17.54 17.77
CA GLY B 201 -0.72 18.11 17.15
C GLY B 201 -0.94 19.58 17.45
N ASP B 202 -0.06 20.20 18.23
CA ASP B 202 -0.18 21.60 18.63
C ASP B 202 0.82 22.48 17.89
N TYR B 203 1.01 22.20 16.60
CA TYR B 203 1.93 22.95 15.77
C TYR B 203 1.34 24.25 15.27
N TYR B 204 0.03 24.44 15.39
CA TYR B 204 -0.60 25.68 14.94
C TYR B 204 0.03 26.86 15.66
N GLY B 205 0.37 27.89 14.90
CA GLY B 205 0.96 29.09 15.46
C GLY B 205 2.44 29.03 15.71
N THR B 206 3.10 27.88 15.52
CA THR B 206 4.52 27.75 15.80
C THR B 206 5.41 28.10 14.62
N GLY B 207 4.84 28.28 13.43
CA GLY B 207 5.64 28.47 12.24
C GLY B 207 6.21 27.19 11.67
N LEU B 208 5.99 26.05 12.31
CA LEU B 208 6.41 24.75 11.81
C LEU B 208 5.18 23.88 11.61
N LYS B 209 5.22 23.03 10.58
CA LYS B 209 4.16 22.09 10.25
C LYS B 209 4.78 20.77 9.86
N PRO B 210 4.06 19.65 10.03
CA PRO B 210 4.63 18.32 9.70
C PRO B 210 4.51 17.98 8.21
N ASP B 211 5.19 18.76 7.38
CA ASP B 211 5.07 18.60 5.93
C ASP B 211 5.62 17.27 5.44
N VAL B 212 6.72 16.80 6.03
CA VAL B 212 7.34 15.58 5.56
C VAL B 212 6.46 14.36 5.88
N GLY B 213 6.00 14.27 7.13
CA GLY B 213 5.13 13.16 7.49
C GLY B 213 3.85 13.13 6.67
N LEU B 214 3.25 14.30 6.44
CA LEU B 214 2.04 14.35 5.63
C LEU B 214 2.31 13.94 4.18
N GLN B 215 3.48 14.32 3.64
CA GLN B 215 3.84 13.87 2.29
C GLN B 215 3.94 12.35 2.22
N ILE B 216 4.60 11.74 3.22
CA ILE B 216 4.76 10.29 3.22
C ILE B 216 3.39 9.61 3.30
N ALA B 217 2.54 10.09 4.21
CA ALA B 217 1.19 9.55 4.34
C ALA B 217 0.46 9.61 3.02
N ARG B 218 0.53 10.76 2.34
CA ARG B 218 -0.26 10.94 1.13
C ARG B 218 0.29 10.08 -0.02
N ARG B 219 1.61 9.91 -0.09
CA ARG B 219 2.16 9.05 -1.13
C ARG B 219 1.62 7.63 -1.01
N PHE B 220 1.62 7.07 0.20
CA PHE B 220 1.07 5.74 0.38
C PHE B 220 -0.44 5.72 0.14
N ALA B 221 -1.15 6.76 0.60
CA ALA B 221 -2.59 6.80 0.38
C ALA B 221 -2.90 6.85 -1.11
N HIS B 222 -2.13 7.63 -1.87
CA HIS B 222 -2.42 7.75 -3.29
C HIS B 222 -2.35 6.38 -3.97
N LEU B 223 -1.37 5.57 -3.61
CA LEU B 223 -1.31 4.22 -4.16
C LEU B 223 -2.59 3.43 -3.86
N THR B 224 -3.11 3.54 -2.63
CA THR B 224 -4.35 2.83 -2.31
C THR B 224 -5.53 3.29 -3.15
N TYR B 225 -5.47 4.51 -3.69
CA TYR B 225 -6.57 5.06 -4.48
C TYR B 225 -6.54 4.65 -5.94
N ARG B 226 -5.43 4.09 -6.42
CA ARG B 226 -5.28 3.86 -7.84
C ARG B 226 -5.44 2.38 -8.18
N GLY B 227 -5.63 2.12 -9.47
CA GLY B 227 -5.69 0.77 -9.98
C GLY B 227 -4.30 0.29 -10.31
N GLU B 228 -3.99 -0.94 -9.90
CA GLU B 228 -2.64 -1.46 -10.10
C GLU B 228 -2.27 -1.49 -11.58
N VAL B 229 -3.17 -1.98 -12.44
CA VAL B 229 -2.87 -2.10 -13.86
C VAL B 229 -2.70 -0.73 -14.50
N GLU B 230 -3.63 0.19 -14.20
CA GLU B 230 -3.55 1.51 -14.80
C GLU B 230 -2.27 2.24 -14.42
N LEU B 231 -1.83 2.11 -13.16
CA LEU B 231 -0.57 2.72 -12.77
C LEU B 231 0.56 2.19 -13.64
N ASP B 232 0.57 0.89 -13.89
CA ASP B 232 1.65 0.34 -14.69
C ASP B 232 1.53 0.73 -16.16
N THR B 233 0.31 0.85 -16.68
CA THR B 233 0.13 1.35 -18.03
C THR B 233 0.66 2.78 -18.16
N ARG B 234 0.41 3.59 -17.13
CA ARG B 234 0.75 5.01 -17.20
C ARG B 234 2.25 5.25 -17.05
N PHE B 235 2.90 4.55 -16.11
CA PHE B 235 4.30 4.80 -15.78
C PHE B 235 5.23 3.63 -16.02
N GLY B 236 4.74 2.40 -15.91
CA GLY B 236 5.62 1.26 -15.97
C GLY B 236 6.77 1.42 -15.00
N ASN B 237 7.94 0.91 -15.41
CA ASN B 237 9.18 1.19 -14.73
C ASN B 237 9.99 2.27 -15.42
N ALA B 238 9.32 3.15 -16.16
CA ALA B 238 10.03 4.20 -16.87
C ALA B 238 10.77 5.08 -15.89
N PRO B 239 11.97 5.54 -16.22
CA PRO B 239 12.64 6.53 -15.39
C PRO B 239 12.00 7.90 -15.60
N GLN B 240 12.21 8.78 -14.63
CA GLN B 240 11.98 10.19 -14.88
C GLN B 240 12.85 10.63 -16.04
N ASP B 241 12.28 11.40 -16.96
CA ASP B 241 12.97 11.75 -18.21
C ASP B 241 14.39 12.24 -17.92
N ASP B 242 15.36 11.65 -18.63
CA ASP B 242 16.77 12.04 -18.60
C ASP B 242 17.48 11.68 -17.30
N GLU B 243 16.85 10.90 -16.42
CA GLU B 243 17.46 10.47 -15.17
C GLU B 243 17.71 8.98 -15.19
N ASN B 244 18.86 8.58 -14.65
CA ASN B 244 19.24 7.18 -14.56
C ASN B 244 19.14 6.74 -13.10
N PRO B 245 18.18 5.87 -12.75
CA PRO B 245 18.06 5.45 -11.33
C PRO B 245 19.32 4.83 -10.75
N LEU B 246 20.15 4.18 -11.55
CA LEU B 246 21.37 3.59 -11.03
C LEU B 246 22.39 4.64 -10.59
N LEU B 247 22.19 5.90 -10.99
CA LEU B 247 23.06 7.00 -10.59
C LEU B 247 22.36 8.00 -9.69
N GLY B 248 21.29 7.57 -9.02
CA GLY B 248 20.56 8.44 -8.11
C GLY B 248 19.34 9.08 -8.73
N GLY B 249 18.98 8.72 -9.94
CA GLY B 249 17.80 9.27 -10.57
C GLY B 249 16.54 8.64 -10.03
N ARG B 250 15.42 9.19 -10.45
CA ARG B 250 14.13 8.72 -9.96
C ARG B 250 13.38 8.02 -11.08
N TYR B 251 12.40 7.22 -10.67
CA TYR B 251 11.43 6.63 -11.59
C TYR B 251 10.28 7.60 -11.81
N ALA B 252 9.60 7.44 -12.95
CA ALA B 252 8.49 8.34 -13.27
C ALA B 252 7.39 8.26 -12.23
N VAL B 253 7.04 7.04 -11.77
CA VAL B 253 5.97 6.95 -10.78
C VAL B 253 6.42 7.57 -9.47
N GLU B 254 7.72 7.52 -9.18
CA GLU B 254 8.28 8.08 -7.96
C GLU B 254 8.17 9.60 -7.95
N SER B 255 8.58 10.25 -9.03
CA SER B 255 8.45 11.70 -9.08
CA SER B 255 8.46 11.70 -9.10
C SER B 255 7.00 12.12 -9.07
N TYR B 256 6.11 11.32 -9.66
CA TYR B 256 4.69 11.59 -9.62
C TYR B 256 4.15 11.51 -8.19
N LEU B 257 4.55 10.49 -7.43
CA LEU B 257 4.10 10.40 -6.05
C LEU B 257 4.64 11.57 -5.22
N GLU B 258 5.89 11.98 -5.45
CA GLU B 258 6.42 13.15 -4.75
C GLU B 258 5.55 14.36 -5.02
N TYR B 259 5.17 14.56 -6.27
CA TYR B 259 4.29 15.66 -6.64
C TYR B 259 2.95 15.57 -5.90
N GLN B 260 2.36 14.38 -5.84
CA GLN B 260 1.06 14.23 -5.16
C GLN B 260 1.18 14.59 -3.68
N GLY B 261 2.26 14.14 -3.03
CA GLY B 261 2.43 14.46 -1.63
C GLY B 261 2.56 15.95 -1.39
N ARG B 262 3.35 16.62 -2.23
CA ARG B 262 3.58 18.05 -2.05
C ARG B 262 2.32 18.84 -2.37
N LYS B 263 1.57 18.41 -3.38
CA LYS B 263 0.33 19.11 -3.71
C LYS B 263 -0.63 19.10 -2.54
N LEU B 264 -0.71 17.98 -1.81
CA LEU B 264 -1.60 17.93 -0.65
C LEU B 264 -1.11 18.84 0.46
N VAL B 265 0.19 18.80 0.75
CA VAL B 265 0.75 19.66 1.80
C VAL B 265 0.43 21.11 1.52
N ASP B 266 0.44 21.50 0.24
CA ASP B 266 0.20 22.89 -0.13
C ASP B 266 -1.24 23.33 0.09
N ARG B 267 -2.18 22.42 0.34
CA ARG B 267 -3.59 22.79 0.42
C ARG B 267 -4.32 22.21 1.62
N PHE B 268 -3.67 21.43 2.48
CA PHE B 268 -4.40 20.62 3.45
C PHE B 268 -3.63 20.52 4.76
N ASP B 269 -4.38 20.45 5.85
CA ASP B 269 -3.84 20.52 7.20
C ASP B 269 -3.63 19.12 7.76
N ALA B 270 -2.45 18.89 8.35
CA ALA B 270 -2.10 17.57 8.88
C ALA B 270 -3.03 17.15 10.02
N GLY B 271 -3.34 18.07 10.94
CA GLY B 271 -4.25 17.73 12.03
C GLY B 271 -5.62 17.28 11.54
N THR B 272 -6.16 17.98 10.54
CA THR B 272 -7.43 17.55 9.94
C THR B 272 -7.27 16.19 9.26
N TYR B 273 -6.14 15.94 8.60
CA TYR B 273 -5.93 14.64 7.99
C TYR B 273 -6.01 13.53 9.03
N VAL B 274 -5.40 13.76 10.20
CA VAL B 274 -5.37 12.76 11.26
C VAL B 274 -6.78 12.57 11.82
N THR B 275 -7.47 13.67 12.14
CA THR B 275 -8.80 13.58 12.71
C THR B 275 -9.76 12.86 11.78
N LEU B 276 -9.72 13.19 10.49
CA LEU B 276 -10.64 12.59 9.54
C LEU B 276 -10.23 11.16 9.20
N THR B 277 -8.93 10.88 9.11
CA THR B 277 -8.52 9.50 8.95
C THR B 277 -9.02 8.64 10.12
N ASP B 278 -8.90 9.16 11.33
CA ASP B 278 -9.43 8.43 12.49
C ASP B 278 -10.92 8.18 12.35
N SER B 279 -11.68 9.17 11.83
CA SER B 279 -13.10 8.92 11.64
C SER B 279 -13.35 7.80 10.61
N LEU B 280 -12.45 7.63 9.64
CA LEU B 280 -12.57 6.49 8.74
C LEU B 280 -12.30 5.19 9.48
N SER B 281 -11.32 5.17 10.38
CA SER B 281 -10.96 3.93 11.05
C SER B 281 -12.06 3.47 12.00
N SER B 282 -12.85 4.40 12.56
CA SER B 282 -13.91 4.02 13.49
C SER B 282 -15.26 3.84 12.82
N HIS B 283 -15.31 3.89 11.48
CA HIS B 283 -16.57 3.69 10.77
C HIS B 283 -17.08 2.28 11.00
N ASP B 284 -18.34 2.16 11.41
CA ASP B 284 -18.94 0.85 11.68
C ASP B 284 -20.43 1.04 11.84
N VAL B 285 -21.21 0.79 10.80
CA VAL B 285 -22.65 1.01 10.90
CA VAL B 285 -22.66 1.01 10.88
C VAL B 285 -23.31 0.06 11.87
N GLY B 286 -22.63 -1.00 12.28
CA GLY B 286 -23.22 -1.94 13.20
C GLY B 286 -23.08 -1.61 14.67
N ARG B 287 -22.20 -0.66 15.01
CA ARG B 287 -21.92 -0.36 16.41
C ARG B 287 -23.20 0.09 17.11
N GLY B 288 -23.47 -0.53 18.27
CA GLY B 288 -24.65 -0.21 19.06
C GLY B 288 -25.97 -0.54 18.40
N ARG B 289 -25.93 -1.27 17.28
CA ARG B 289 -27.15 -1.64 16.55
C ARG B 289 -27.27 -3.14 16.35
N GLY B 290 -26.47 -3.94 17.04
CA GLY B 290 -26.51 -5.39 16.88
C GLY B 290 -25.64 -5.92 15.77
N GLY B 291 -24.74 -5.12 15.22
CA GLY B 291 -23.83 -5.57 14.19
C GLY B 291 -24.25 -5.10 12.81
N VAL B 292 -23.32 -5.29 11.87
CA VAL B 292 -23.50 -4.76 10.51
C VAL B 292 -24.76 -5.31 9.86
N GLU B 293 -24.97 -6.63 9.96
CA GLU B 293 -26.10 -7.24 9.26
C GLU B 293 -27.42 -6.69 9.78
N ALA B 294 -27.55 -6.60 11.11
CA ALA B 294 -28.79 -6.10 11.69
C ALA B 294 -29.01 -4.64 11.29
N ALA B 295 -27.96 -3.82 11.29
CA ALA B 295 -28.12 -2.42 10.94
C ALA B 295 -28.53 -2.26 9.48
N LEU B 296 -27.89 -3.00 8.58
CA LEU B 296 -28.20 -2.86 7.15
C LEU B 296 -29.60 -3.37 6.85
N ARG B 297 -30.03 -4.45 7.49
CA ARG B 297 -31.38 -4.94 7.28
C ARG B 297 -32.42 -3.93 7.76
N SER B 298 -32.05 -3.06 8.70
CA SER B 298 -32.99 -2.06 9.21
C SER B 298 -33.24 -0.92 8.24
N CYS B 299 -32.47 -0.83 7.14
CA CYS B 299 -32.61 0.33 6.27
C CYS B 299 -34.02 0.39 5.68
N GLU B 300 -34.59 1.60 5.68
CA GLU B 300 -35.92 1.86 5.14
C GLU B 300 -35.89 2.97 4.10
N VAL B 301 -34.72 3.27 3.58
CA VAL B 301 -34.51 4.32 2.59
C VAL B 301 -34.10 3.65 1.28
N PRO B 302 -34.71 3.98 0.15
CA PRO B 302 -34.24 3.44 -1.13
C PRO B 302 -32.81 3.91 -1.39
N VAL B 303 -31.94 2.97 -1.73
CA VAL B 303 -30.53 3.29 -1.95
C VAL B 303 -30.05 2.68 -3.25
N VAL B 304 -29.12 3.37 -3.87
CA VAL B 304 -28.35 2.86 -5.00
C VAL B 304 -26.93 2.68 -4.49
N VAL B 305 -26.35 1.51 -4.76
CA VAL B 305 -25.00 1.18 -4.30
C VAL B 305 -24.14 0.98 -5.54
N GLY B 306 -22.97 1.59 -5.54
CA GLY B 306 -22.01 1.39 -6.62
C GLY B 306 -20.62 1.10 -6.12
N GLY B 307 -19.91 0.26 -6.87
CA GLY B 307 -18.54 -0.06 -6.58
C GLY B 307 -17.76 -0.16 -7.88
N PHE B 308 -16.43 -0.10 -7.74
CA PHE B 308 -15.53 0.00 -8.88
C PHE B 308 -14.61 -1.23 -8.91
N THR B 309 -14.56 -1.87 -10.07
CA THR B 309 -13.91 -3.19 -10.18
C THR B 309 -12.48 -3.20 -9.67
N SER B 310 -11.70 -2.14 -9.94
CA SER B 310 -10.28 -2.11 -9.65
C SER B 310 -9.95 -1.43 -8.31
N ASP B 311 -10.96 -1.07 -7.52
CA ASP B 311 -10.73 -0.43 -6.23
C ASP B 311 -9.97 -1.36 -5.30
N ARG B 312 -8.81 -0.89 -4.81
CA ARG B 312 -7.96 -1.65 -3.90
C ARG B 312 -8.11 -1.22 -2.45
N LEU B 313 -8.80 -0.11 -2.18
CA LEU B 313 -8.98 0.39 -0.82
C LEU B 313 -10.31 -0.01 -0.23
N TYR B 314 -11.39 0.10 -1.01
CA TYR B 314 -12.73 -0.33 -0.62
C TYR B 314 -13.16 -1.37 -1.67
N PRO B 315 -12.60 -2.58 -1.62
CA PRO B 315 -12.82 -3.53 -2.72
C PRO B 315 -14.29 -3.87 -2.90
N LEU B 316 -14.59 -4.32 -4.13
CA LEU B 316 -15.96 -4.57 -4.56
C LEU B 316 -16.73 -5.48 -3.60
N ARG B 317 -16.06 -6.44 -2.96
CA ARG B 317 -16.75 -7.32 -2.03
C ARG B 317 -17.51 -6.55 -0.97
N LEU B 318 -17.00 -5.37 -0.59
CA LEU B 318 -17.67 -4.56 0.42
C LEU B 318 -18.98 -3.99 -0.10
N GLN B 319 -19.02 -3.59 -1.37
CA GLN B 319 -20.28 -3.08 -1.91
C GLN B 319 -21.24 -4.20 -2.25
N GLU B 320 -20.75 -5.38 -2.63
CA GLU B 320 -21.59 -6.55 -2.74
C GLU B 320 -22.32 -6.82 -1.43
N GLU B 321 -21.60 -6.73 -0.32
CA GLU B 321 -22.21 -6.94 0.99
C GLU B 321 -23.30 -5.92 1.27
N LEU B 322 -23.04 -4.64 1.00
CA LEU B 322 -24.05 -3.61 1.20
C LEU B 322 -25.31 -3.91 0.41
N ALA B 323 -25.14 -4.22 -0.88
CA ALA B 323 -26.29 -4.43 -1.75
C ALA B 323 -27.06 -5.68 -1.36
N GLU B 324 -26.35 -6.70 -0.85
CA GLU B 324 -27.00 -7.95 -0.47
C GLU B 324 -27.81 -7.78 0.81
N LEU B 325 -27.28 -7.05 1.79
CA LEU B 325 -27.91 -6.98 3.09
C LEU B 325 -28.93 -5.85 3.23
N MET B 326 -28.84 -4.80 2.41
CA MET B 326 -29.81 -3.70 2.50
C MET B 326 -31.08 -4.08 1.75
N PRO B 327 -32.27 -3.92 2.36
CA PRO B 327 -33.51 -4.38 1.73
C PRO B 327 -33.79 -3.73 0.38
N GLY B 331 -29.92 -4.60 -6.74
CA GLY B 331 -28.65 -5.19 -7.11
C GLY B 331 -27.50 -4.20 -7.10
N LEU B 332 -26.29 -4.70 -6.87
CA LEU B 332 -25.12 -3.83 -6.88
C LEU B 332 -24.87 -3.32 -8.29
N ASN B 333 -24.56 -2.04 -8.40
CA ASN B 333 -24.11 -1.47 -9.67
C ASN B 333 -22.59 -1.57 -9.72
N VAL B 334 -22.10 -2.51 -10.52
CA VAL B 334 -20.67 -2.73 -10.66
C VAL B 334 -20.18 -1.87 -11.82
N VAL B 335 -19.32 -0.89 -11.52
CA VAL B 335 -18.76 -0.02 -12.53
C VAL B 335 -17.41 -0.59 -12.93
N GLU B 336 -17.31 -1.06 -14.16
CA GLU B 336 -16.05 -1.49 -14.74
C GLU B 336 -15.16 -0.28 -14.96
N SER B 337 -14.06 -0.20 -14.22
CA SER B 337 -13.23 0.99 -14.23
C SER B 337 -11.78 0.59 -14.00
N ILE B 338 -10.87 1.29 -14.69
CA ILE B 338 -9.44 1.05 -14.49
C ILE B 338 -8.85 1.91 -13.38
N TYR B 339 -9.60 2.88 -12.86
CA TYR B 339 -9.06 3.96 -12.05
C TYR B 339 -9.05 3.68 -10.55
N GLY B 340 -9.30 2.44 -10.13
CA GLY B 340 -9.23 2.14 -8.73
C GLY B 340 -10.30 2.87 -7.94
N HIS B 341 -10.00 3.12 -6.68
CA HIS B 341 -10.90 3.87 -5.80
C HIS B 341 -11.27 5.22 -6.40
N ASP B 342 -10.33 5.87 -7.09
CA ASP B 342 -10.61 7.17 -7.69
C ASP B 342 -11.63 7.09 -8.81
N GLY B 343 -12.09 5.89 -9.18
CA GLY B 343 -13.17 5.78 -10.15
C GLY B 343 -14.39 6.57 -9.78
N PHE B 344 -14.69 6.71 -8.49
CA PHE B 344 -15.89 7.46 -8.09
C PHE B 344 -15.77 8.95 -8.41
N LEU B 345 -14.57 9.46 -8.60
CA LEU B 345 -14.35 10.83 -9.03
C LEU B 345 -14.15 10.97 -10.53
N ILE B 346 -13.65 9.93 -11.19
CA ILE B 346 -13.23 10.03 -12.58
C ILE B 346 -14.32 9.57 -13.55
N GLU B 347 -15.13 8.59 -13.15
CA GLU B 347 -16.11 7.97 -14.05
C GLU B 347 -17.41 8.78 -14.05
N THR B 348 -17.31 9.98 -14.62
CA THR B 348 -18.41 10.96 -14.58
C THR B 348 -19.70 10.38 -15.14
N GLU B 349 -19.63 9.73 -16.30
CA GLU B 349 -20.87 9.27 -16.94
C GLU B 349 -21.49 8.11 -16.17
N ALA B 350 -20.67 7.17 -15.69
CA ALA B 350 -21.20 6.07 -14.90
C ALA B 350 -21.81 6.56 -13.59
N VAL B 351 -21.07 7.42 -12.87
CA VAL B 351 -21.59 7.97 -11.62
C VAL B 351 -22.84 8.81 -11.88
N GLY B 352 -22.84 9.56 -12.97
CA GLY B 352 -24.00 10.39 -13.29
C GLY B 352 -25.26 9.57 -13.47
N LYS B 353 -25.15 8.40 -14.12
CA LYS B 353 -26.31 7.53 -14.27
C LYS B 353 -26.81 7.05 -12.92
N LEU B 354 -25.90 6.73 -12.01
CA LEU B 354 -26.30 6.28 -10.68
C LEU B 354 -26.94 7.42 -9.88
N ILE B 355 -26.44 8.65 -10.04
CA ILE B 355 -27.07 9.80 -9.40
C ILE B 355 -28.48 9.98 -9.91
N ARG B 356 -28.66 9.92 -11.24
CA ARG B 356 -29.98 10.14 -11.81
C ARG B 356 -30.96 9.06 -11.35
N GLN B 357 -30.48 7.83 -11.20
CA GLN B 357 -31.32 6.75 -10.67
C GLN B 357 -31.73 7.04 -9.23
N THR B 358 -30.79 7.54 -8.42
CA THR B 358 -31.10 7.89 -7.03
C THR B 358 -32.13 8.99 -6.96
N LEU B 359 -31.98 10.03 -7.78
CA LEU B 359 -32.92 11.14 -7.76
C LEU B 359 -34.31 10.71 -8.22
N GLU B 360 -34.39 9.76 -9.16
CA GLU B 360 -35.69 9.23 -9.56
C GLU B 360 -36.39 8.56 -8.39
N LEU B 361 -35.63 7.89 -7.52
CA LEU B 361 -36.20 7.22 -6.37
C LEU B 361 -36.72 8.22 -5.34
N ALA B 362 -36.18 9.44 -5.32
CA ALA B 362 -36.61 10.47 -4.40
C ALA B 362 -37.77 11.28 -4.93
N SER B 363 -38.09 11.16 -6.21
CA SER B 363 -39.10 11.98 -6.83
C SER B 363 -40.46 11.30 -6.74
NA NA C . 37.44 -12.49 -8.19
CA CA D . 13.90 -28.15 7.83
CA CA E . 16.38 6.02 -5.53
CA CA F . -5.58 6.08 17.01
NA NA G . -27.46 24.03 18.32
CA CA H . -20.60 21.60 -13.29
C1 GOL I . -4.89 6.52 14.39
O1 GOL I . -4.14 5.76 15.27
C2 GOL I . -6.23 5.75 14.21
O2 GOL I . -7.21 6.23 15.07
C3 GOL I . -6.60 5.91 12.72
O3 GOL I . -6.13 4.77 12.09
H11 GOL I . -4.47 6.63 13.53
H12 GOL I . -5.06 7.41 14.73
H2 GOL I . -6.12 4.81 14.44
H31 GOL I . -6.23 6.73 12.37
H32 GOL I . -7.57 6.00 12.63
HO3 GOL I . -6.78 4.45 11.63
#